data_3BDB
#
_entry.id   3BDB
#
_cell.length_a   91.585
_cell.length_b   91.342
_cell.length_c   115.331
_cell.angle_alpha   90.000
_cell.angle_beta   90.000
_cell.angle_gamma   90.000
#
_symmetry.space_group_name_H-M   'P 21 21 21'
#
loop_
_entity.id
_entity.type
_entity.pdbx_description
1 polymer 'Novel immune-type receptor 11'
2 water water
#
_entity_poly.entity_id   1
_entity_poly.type   'polypeptide(L)'
_entity_poly.pdbx_seq_one_letter_code
;MDIKELHVKTVKRGENVTMECSMSKVTNKNNLAWYRQSFGKVPQYFVRYYSSNSGYKFAEGFKDSRFSMTVNDQKFDLNI
IGAREDDGGEYFCGEVEGIIIKFTSGTRLQFEGSNEGSKSSDGEGSSCPDQMHVLVW
;
_entity_poly.pdbx_strand_id   A,B,C,D,E,F
#
# COMPACT_ATOMS: atom_id res chain seq x y z
N ILE A 3 2.86 -10.27 -5.97
CA ILE A 3 4.12 -10.59 -6.69
C ILE A 3 5.12 -11.18 -5.68
N LYS A 4 5.41 -12.47 -5.73
CA LYS A 4 5.87 -13.21 -4.55
C LYS A 4 7.37 -12.99 -4.33
N GLU A 5 7.81 -13.22 -3.10
CA GLU A 5 9.19 -12.94 -2.72
C GLU A 5 10.07 -14.18 -2.84
N LEU A 6 11.32 -13.97 -3.19
CA LEU A 6 12.31 -15.05 -3.26
C LEU A 6 12.79 -15.41 -1.86
N HIS A 7 12.72 -16.70 -1.55
CA HIS A 7 12.90 -17.17 -0.22
C HIS A 7 14.45 -17.02 0.00
N VAL A 8 14.81 -16.38 1.10
CA VAL A 8 16.19 -16.02 1.37
C VAL A 8 16.80 -16.90 2.45
N LYS A 9 17.96 -17.48 2.15
CA LYS A 9 18.40 -18.70 2.82
C LYS A 9 19.91 -18.79 2.87
N THR A 10 20.48 -18.43 4.01
CA THR A 10 21.96 -18.12 4.11
C THR A 10 22.45 -19.38 4.67
N VAL A 11 23.56 -19.92 4.19
CA VAL A 11 24.46 -20.70 5.04
C VAL A 11 25.87 -20.77 4.44
N LYS A 12 26.61 -21.80 4.81
CA LYS A 12 28.06 -21.79 4.67
C LYS A 12 28.61 -23.19 4.41
N ARG A 13 29.93 -23.29 4.28
CA ARG A 13 30.57 -24.36 3.42
C ARG A 13 30.30 -25.65 4.01
N GLY A 14 29.72 -26.53 3.24
CA GLY A 14 29.59 -27.88 3.71
C GLY A 14 28.20 -28.30 3.96
N GLU A 15 27.27 -27.36 4.19
CA GLU A 15 25.87 -27.67 4.55
C GLU A 15 25.15 -28.64 3.60
N ASN A 16 23.82 -28.54 3.49
CA ASN A 16 23.18 -29.22 2.42
C ASN A 16 21.97 -28.43 2.42
N VAL A 17 21.35 -28.17 1.27
CA VAL A 17 20.27 -27.19 1.23
C VAL A 17 19.21 -27.50 0.18
N THR A 18 17.97 -27.13 0.45
CA THR A 18 16.82 -27.68 -0.27
C THR A 18 15.82 -26.58 -0.64
N MET A 19 15.68 -26.32 -1.93
CA MET A 19 14.85 -25.22 -2.40
C MET A 19 13.54 -25.73 -2.99
N GLU A 20 12.43 -25.38 -2.34
CA GLU A 20 11.21 -26.17 -2.43
C GLU A 20 10.23 -25.56 -3.42
N CYS A 21 9.98 -26.26 -4.52
CA CYS A 21 9.08 -25.80 -5.52
C CYS A 21 7.98 -26.84 -5.56
N SER A 22 6.76 -26.38 -5.81
CA SER A 22 5.57 -27.19 -5.52
C SER A 22 4.83 -27.55 -6.80
N MET A 23 3.73 -28.28 -6.67
CA MET A 23 3.41 -29.38 -7.58
C MET A 23 1.92 -29.48 -7.81
N SER A 24 1.14 -29.47 -6.71
CA SER A 24 0.72 -28.22 -6.10
C SER A 24 0.45 -27.15 -7.15
N LYS A 25 -0.78 -27.14 -7.67
CA LYS A 25 -1.20 -26.09 -8.59
C LYS A 25 -0.33 -26.05 -9.83
N VAL A 26 0.62 -26.98 -9.91
CA VAL A 26 1.47 -27.12 -11.08
C VAL A 26 0.73 -27.81 -12.22
N THR A 27 1.23 -27.65 -13.43
CA THR A 27 0.49 -28.06 -14.63
C THR A 27 1.28 -29.10 -15.43
N ASN A 28 1.71 -28.71 -16.62
CA ASN A 28 2.23 -29.66 -17.59
C ASN A 28 3.67 -30.07 -17.28
N LYS A 29 3.83 -31.12 -16.49
CA LYS A 29 5.02 -31.32 -15.73
C LYS A 29 6.15 -31.19 -16.64
N ASN A 30 5.92 -31.26 -17.92
CA ASN A 30 7.08 -31.50 -18.70
C ASN A 30 7.57 -30.25 -19.05
N ASN A 31 6.77 -29.22 -18.87
CA ASN A 31 7.37 -27.91 -18.99
C ASN A 31 7.80 -27.31 -17.74
N LEU A 32 8.12 -28.13 -16.75
CA LEU A 32 8.54 -27.62 -15.44
C LEU A 32 10.05 -27.64 -15.30
N ALA A 33 10.59 -26.65 -14.59
CA ALA A 33 12.02 -26.40 -14.58
C ALA A 33 12.52 -26.05 -13.18
N TRP A 34 13.83 -26.07 -13.00
CA TRP A 34 14.55 -24.94 -12.41
C TRP A 34 15.43 -24.26 -13.44
N TYR A 35 15.78 -23.01 -13.17
CA TYR A 35 16.85 -22.32 -13.92
C TYR A 35 17.81 -21.60 -12.99
N ARG A 36 19.08 -22.01 -12.97
CA ARG A 36 19.98 -21.37 -12.07
C ARG A 36 20.46 -19.96 -12.63
N GLN A 37 20.51 -18.95 -11.74
CA GLN A 37 21.10 -17.69 -11.98
C GLN A 37 22.35 -17.37 -11.10
N SER A 38 23.55 -17.72 -11.45
CA SER A 38 24.58 -17.10 -10.65
C SER A 38 24.53 -15.56 -10.63
N PHE A 39 25.23 -14.93 -9.70
CA PHE A 39 25.15 -13.48 -9.54
C PHE A 39 25.87 -12.74 -10.66
N GLY A 40 25.29 -11.64 -11.14
CA GLY A 40 25.73 -11.04 -12.36
C GLY A 40 25.71 -11.83 -13.69
N LYS A 41 24.82 -12.81 -13.85
CA LYS A 41 24.81 -13.55 -15.09
C LYS A 41 23.42 -13.69 -15.60
N VAL A 42 23.24 -14.51 -16.56
CA VAL A 42 21.93 -14.39 -17.04
C VAL A 42 21.43 -15.75 -16.70
N PRO A 43 20.16 -15.91 -16.29
CA PRO A 43 19.60 -17.14 -15.71
C PRO A 43 19.65 -18.13 -16.83
N GLN A 44 20.11 -19.36 -16.62
CA GLN A 44 19.87 -20.43 -17.57
C GLN A 44 18.99 -21.51 -16.98
N TYR A 45 18.26 -22.23 -17.84
CA TYR A 45 17.69 -23.51 -17.49
C TYR A 45 18.75 -24.50 -17.04
N PHE A 46 18.40 -25.36 -16.09
CA PHE A 46 19.39 -25.95 -15.19
C PHE A 46 19.08 -27.42 -14.93
N VAL A 47 17.84 -27.71 -14.59
CA VAL A 47 17.33 -29.04 -14.65
C VAL A 47 15.81 -29.04 -14.79
N ARG A 48 15.28 -30.04 -15.49
CA ARG A 48 13.85 -30.10 -15.78
C ARG A 48 13.24 -31.39 -15.24
N TYR A 49 11.92 -31.38 -15.06
CA TYR A 49 11.17 -32.61 -14.79
C TYR A 49 11.38 -33.64 -15.90
N TYR A 50 11.14 -34.91 -15.58
CA TYR A 50 11.43 -36.00 -16.51
C TYR A 50 10.79 -37.22 -16.19
N SER A 51 9.65 -37.53 -16.79
CA SER A 51 8.98 -38.93 -16.72
C SER A 51 9.88 -40.09 -16.54
N SER A 52 10.31 -40.34 -15.31
CA SER A 52 11.16 -41.40 -14.91
C SER A 52 11.04 -41.59 -13.36
N ASN A 53 12.01 -42.24 -12.74
CA ASN A 53 11.81 -42.65 -11.33
C ASN A 53 12.24 -41.55 -10.37
N SER A 54 13.53 -41.24 -10.42
CA SER A 54 14.05 -39.99 -9.88
C SER A 54 13.16 -38.81 -10.27
N GLY A 55 13.01 -38.61 -11.57
CA GLY A 55 11.97 -37.75 -12.10
C GLY A 55 12.49 -36.39 -12.55
N TYR A 56 13.75 -36.37 -12.97
CA TYR A 56 14.35 -35.14 -13.49
C TYR A 56 15.53 -35.47 -14.41
N LYS A 57 15.96 -34.47 -15.18
CA LYS A 57 17.24 -34.53 -15.87
C LYS A 57 17.91 -33.16 -15.92
N PHE A 58 19.16 -33.10 -15.48
CA PHE A 58 19.97 -31.81 -15.56
C PHE A 58 20.27 -31.32 -16.95
N ALA A 59 20.50 -29.99 -17.11
CA ALA A 59 20.65 -29.48 -18.48
C ALA A 59 21.96 -30.15 -19.10
N GLU A 60 22.01 -30.48 -20.39
CA GLU A 60 23.24 -31.14 -20.92
C GLU A 60 24.52 -30.54 -20.52
N GLY A 61 24.52 -29.25 -20.57
CA GLY A 61 25.75 -28.56 -20.26
C GLY A 61 26.27 -28.79 -18.84
N PHE A 62 26.07 -29.98 -18.22
CA PHE A 62 26.11 -29.94 -16.71
C PHE A 62 26.59 -31.03 -15.81
N LYS A 63 27.76 -30.80 -15.22
CA LYS A 63 28.40 -31.81 -14.38
C LYS A 63 28.47 -31.36 -12.93
N ASP A 64 27.64 -31.97 -12.08
CA ASP A 64 27.84 -31.92 -10.62
C ASP A 64 27.08 -32.91 -9.74
N SER A 65 27.78 -33.92 -9.24
CA SER A 65 27.20 -35.02 -8.42
C SER A 65 26.49 -34.44 -7.22
N ARG A 66 27.10 -33.42 -6.60
CA ARG A 66 26.43 -32.62 -5.57
C ARG A 66 24.99 -32.20 -5.71
N PHE A 67 24.42 -32.10 -6.90
CA PHE A 67 23.04 -31.63 -7.09
C PHE A 67 22.13 -32.77 -7.29
N SER A 68 20.88 -32.69 -6.88
CA SER A 68 19.86 -33.70 -7.21
C SER A 68 18.53 -33.07 -6.85
N MET A 69 17.44 -33.83 -6.95
CA MET A 69 16.13 -33.36 -6.50
C MET A 69 15.30 -34.50 -5.92
N THR A 70 14.56 -34.20 -4.86
CA THR A 70 13.39 -34.99 -4.50
C THR A 70 12.16 -34.52 -5.26
N VAL A 71 11.68 -35.37 -6.17
CA VAL A 71 10.44 -35.09 -6.90
C VAL A 71 9.45 -36.25 -6.75
N ASN A 72 8.17 -35.91 -6.64
CA ASN A 72 7.15 -36.88 -6.40
C ASN A 72 5.80 -36.20 -6.63
N ASP A 73 4.67 -36.48 -6.09
CA ASP A 73 3.52 -35.73 -6.48
C ASP A 73 3.42 -34.39 -5.88
N GLN A 74 4.13 -34.23 -4.77
CA GLN A 74 3.94 -32.96 -4.08
C GLN A 74 5.11 -32.10 -4.43
N LYS A 75 6.31 -32.68 -4.56
CA LYS A 75 7.55 -31.91 -4.53
C LYS A 75 8.23 -31.75 -5.89
N PHE A 76 9.02 -30.68 -6.03
CA PHE A 76 9.95 -30.56 -7.04
C PHE A 76 11.15 -29.86 -6.51
N ASP A 77 11.79 -30.41 -5.48
CA ASP A 77 12.87 -29.71 -4.80
C ASP A 77 14.23 -30.07 -5.39
N LEU A 78 15.08 -29.07 -5.56
CA LEU A 78 16.51 -29.30 -5.70
C LEU A 78 17.16 -29.65 -4.37
N ASN A 79 18.40 -30.12 -4.42
CA ASN A 79 19.16 -30.43 -3.19
C ASN A 79 20.56 -30.21 -3.67
N ILE A 80 21.49 -29.90 -2.73
CA ILE A 80 22.92 -29.86 -2.94
C ILE A 80 23.68 -30.44 -1.74
N ILE A 81 24.50 -31.48 -1.93
CA ILE A 81 25.29 -31.82 -0.82
C ILE A 81 26.64 -31.06 -0.70
N GLY A 82 26.71 -30.10 0.22
CA GLY A 82 27.98 -29.63 0.73
C GLY A 82 28.70 -28.72 -0.25
N ALA A 83 27.94 -27.87 -0.93
CA ALA A 83 27.64 -26.53 -0.42
C ALA A 83 28.87 -25.63 -0.49
N ARG A 84 29.22 -25.21 -1.70
CA ARG A 84 30.57 -24.78 -2.00
C ARG A 84 30.72 -23.27 -1.85
N GLU A 85 30.02 -22.52 -2.70
CA GLU A 85 29.86 -21.08 -2.50
C GLU A 85 29.52 -20.38 -3.82
N ASP A 86 30.18 -20.81 -4.89
CA ASP A 86 29.70 -20.51 -6.25
C ASP A 86 28.37 -21.19 -6.56
N ASP A 87 27.89 -22.05 -5.66
CA ASP A 87 26.48 -22.36 -5.58
C ASP A 87 25.67 -21.08 -5.38
N GLY A 88 26.41 -20.00 -4.93
CA GLY A 88 25.80 -18.84 -4.40
C GLY A 88 24.96 -18.42 -5.57
N GLY A 89 23.63 -18.07 -5.51
CA GLY A 89 22.99 -17.63 -6.83
C GLY A 89 21.58 -17.35 -6.48
N GLU A 90 20.74 -16.97 -7.44
CA GLU A 90 19.30 -17.12 -7.30
C GLU A 90 18.79 -18.35 -8.05
N TYR A 91 17.71 -18.93 -7.55
CA TYR A 91 17.08 -20.07 -8.21
C TYR A 91 15.58 -19.86 -8.35
N PHE A 92 15.09 -19.89 -9.59
CA PHE A 92 13.66 -19.84 -9.85
C PHE A 92 13.18 -21.12 -10.53
N CYS A 93 11.95 -21.53 -10.23
CA CYS A 93 11.45 -22.67 -10.73
C CYS A 93 10.21 -22.08 -11.36
N GLY A 94 10.00 -22.55 -12.59
CA GLY A 94 8.97 -21.98 -13.47
C GLY A 94 8.42 -23.03 -14.43
N GLU A 95 7.16 -22.87 -14.82
CA GLU A 95 6.59 -23.64 -15.92
C GLU A 95 6.23 -22.74 -17.09
N VAL A 96 7.18 -22.59 -18.02
CA VAL A 96 6.85 -22.34 -19.41
C VAL A 96 5.43 -22.82 -19.74
N GLU A 97 4.55 -21.87 -20.02
CA GLU A 97 3.29 -22.16 -20.52
C GLU A 97 2.80 -21.04 -21.29
N GLY A 98 2.42 -21.41 -22.52
CA GLY A 98 2.05 -20.49 -23.55
C GLY A 98 3.23 -20.26 -24.47
N ILE A 99 3.67 -19.00 -24.50
CA ILE A 99 5.03 -18.59 -24.80
C ILE A 99 5.49 -17.61 -23.73
N ILE A 100 5.43 -18.07 -22.49
CA ILE A 100 5.61 -17.28 -21.28
C ILE A 100 6.02 -18.33 -20.31
N ILE A 101 6.90 -18.01 -19.38
CA ILE A 101 7.14 -18.84 -18.21
C ILE A 101 6.81 -18.09 -16.92
N LYS A 102 6.01 -18.73 -16.06
CA LYS A 102 5.54 -18.08 -14.84
C LYS A 102 6.18 -18.71 -13.60
N PHE A 103 7.35 -18.20 -13.24
CA PHE A 103 8.08 -18.71 -12.08
C PHE A 103 7.19 -18.76 -10.85
N THR A 104 6.76 -19.96 -10.48
CA THR A 104 5.83 -20.13 -9.36
C THR A 104 6.57 -20.10 -8.03
N SER A 105 7.87 -20.36 -8.06
CA SER A 105 8.78 -19.87 -7.02
C SER A 105 10.21 -19.80 -7.54
N GLY A 106 11.06 -19.11 -6.79
CA GLY A 106 12.44 -19.55 -6.61
C GLY A 106 13.06 -19.00 -5.34
N THR A 107 14.39 -19.02 -5.28
CA THR A 107 15.11 -18.90 -4.02
C THR A 107 16.44 -18.17 -4.20
N ARG A 108 16.78 -17.33 -3.25
CA ARG A 108 18.15 -16.85 -3.10
C ARG A 108 18.88 -17.61 -2.00
N LEU A 109 20.04 -18.17 -2.34
CA LEU A 109 20.92 -18.78 -1.36
C LEU A 109 22.28 -18.10 -1.34
N GLN A 110 22.52 -17.28 -0.33
CA GLN A 110 23.80 -16.59 -0.17
C GLN A 110 24.49 -17.22 0.91
N PHE A 111 25.78 -17.49 0.75
CA PHE A 111 26.52 -18.32 1.70
C PHE A 111 26.98 -17.57 2.97
N GLU A 112 28.28 -17.32 3.07
CA GLU A 112 28.99 -17.48 4.32
C GLU A 112 28.29 -16.77 5.47
N GLY A 113 27.92 -15.52 5.25
CA GLY A 113 28.27 -14.44 6.16
C GLY A 113 29.77 -14.18 6.18
N SER A 114 30.38 -14.31 7.35
CA SER A 114 31.73 -14.84 7.47
C SER A 114 32.40 -14.36 8.76
N ASN A 115 33.50 -15.01 9.10
CA ASN A 115 33.83 -15.26 10.50
C ASN A 115 34.58 -16.59 10.35
N GLU A 116 35.94 -16.60 10.27
CA GLU A 116 36.69 -17.89 9.87
C GLU A 116 38.06 -18.32 10.47
N GLY A 117 38.39 -17.87 11.69
CA GLY A 117 39.58 -18.37 12.42
C GLY A 117 40.83 -17.48 12.33
N SER A 118 41.14 -16.76 13.40
CA SER A 118 41.84 -15.48 13.28
C SER A 118 43.31 -15.69 12.92
N LYS A 119 43.69 -15.20 11.75
CA LYS A 119 45.11 -15.06 11.41
C LYS A 119 45.31 -14.08 10.26
N SER A 120 44.67 -14.36 9.13
CA SER A 120 44.88 -13.57 7.92
C SER A 120 43.67 -12.70 7.63
N SER A 121 43.80 -11.40 7.89
CA SER A 121 43.38 -10.38 6.94
C SER A 121 43.03 -9.07 7.64
N ASP A 122 42.00 -8.39 7.15
CA ASP A 122 41.67 -7.02 7.61
C ASP A 122 41.16 -6.91 9.10
N GLY A 123 39.87 -7.19 9.36
CA GLY A 123 39.20 -6.98 10.70
C GLY A 123 37.84 -6.23 10.75
N GLU A 124 37.69 -5.37 11.76
CA GLU A 124 36.48 -4.56 11.89
C GLU A 124 35.23 -5.40 11.63
N GLY A 125 35.12 -6.53 12.33
CA GLY A 125 33.89 -7.30 12.34
C GLY A 125 33.54 -7.87 10.97
N SER A 126 32.33 -7.59 10.52
CA SER A 126 31.38 -6.81 11.29
C SER A 126 29.93 -7.17 10.91
N SER A 127 29.44 -6.55 9.85
CA SER A 127 28.18 -5.84 9.90
C SER A 127 28.35 -4.44 10.50
N CYS A 128 29.01 -3.56 9.75
CA CYS A 128 28.77 -2.13 9.87
C CYS A 128 27.27 -1.80 9.76
N ILE B 3 28.48 -19.29 -20.68
CA ILE B 3 27.48 -18.49 -19.96
C ILE B 3 27.66 -16.98 -19.93
N LYS B 4 26.59 -16.24 -20.24
CA LYS B 4 26.60 -14.85 -20.69
C LYS B 4 26.19 -13.81 -19.61
N GLU B 5 27.11 -12.88 -19.32
CA GLU B 5 26.99 -11.88 -18.26
C GLU B 5 25.97 -10.76 -18.47
N LEU B 6 25.50 -10.23 -17.34
CA LEU B 6 24.67 -9.03 -17.35
C LEU B 6 25.47 -7.81 -17.80
N HIS B 7 24.82 -6.94 -18.56
CA HIS B 7 25.22 -5.53 -18.61
C HIS B 7 24.90 -4.82 -17.30
N VAL B 8 25.95 -4.49 -16.55
CA VAL B 8 25.82 -3.57 -15.43
C VAL B 8 25.61 -2.13 -15.91
N LYS B 9 24.50 -1.54 -15.49
CA LYS B 9 24.14 -0.19 -15.93
C LYS B 9 23.81 0.70 -14.74
N THR B 10 24.85 1.33 -14.18
CA THR B 10 24.69 2.14 -12.96
C THR B 10 24.04 3.46 -13.52
N VAL B 11 23.11 4.17 -12.86
CA VAL B 11 22.32 5.14 -13.52
C VAL B 11 21.83 6.27 -12.54
N LYS B 12 21.66 7.49 -13.06
CA LYS B 12 21.25 8.62 -12.23
C LYS B 12 19.73 8.74 -12.17
N ARG B 13 19.20 8.90 -10.96
CA ARG B 13 17.81 9.29 -10.78
C ARG B 13 17.41 10.37 -11.77
N GLY B 14 16.73 9.97 -12.85
CA GLY B 14 16.20 10.91 -13.81
C GLY B 14 16.75 10.67 -15.21
N GLU B 15 17.94 10.08 -15.29
CA GLU B 15 18.37 9.38 -16.51
C GLU B 15 17.29 8.68 -17.39
N ASN B 16 17.35 8.81 -18.71
CA ASN B 16 16.61 7.87 -19.54
C ASN B 16 17.49 6.60 -19.93
N VAL B 17 16.94 5.40 -19.78
CA VAL B 17 17.79 4.19 -19.95
C VAL B 17 17.12 3.45 -20.98
N THR B 18 18.01 2.87 -21.79
CA THR B 18 17.57 1.80 -22.74
C THR B 18 18.23 0.50 -22.48
N MET B 19 17.42 -0.56 -22.60
CA MET B 19 18.06 -1.92 -22.41
C MET B 19 17.95 -2.75 -23.60
N GLU B 20 19.04 -3.38 -23.96
CA GLU B 20 19.25 -4.04 -25.23
C GLU B 20 18.95 -5.50 -25.25
N CYS B 21 18.17 -5.93 -26.25
CA CYS B 21 18.17 -7.35 -26.61
C CYS B 21 18.43 -7.31 -28.17
N SER B 22 19.20 -8.27 -28.71
CA SER B 22 19.42 -8.36 -30.18
C SER B 22 18.45 -9.32 -30.81
N MET B 23 17.43 -8.81 -31.47
CA MET B 23 16.85 -9.48 -32.63
C MET B 23 17.85 -10.41 -33.28
N SER B 24 19.00 -9.86 -33.66
CA SER B 24 20.13 -10.68 -34.09
C SER B 24 20.41 -11.79 -33.09
N LYS B 25 19.59 -12.85 -33.15
CA LYS B 25 20.04 -14.19 -32.83
C LYS B 25 18.95 -15.00 -32.13
N VAL B 26 17.70 -14.58 -32.33
CA VAL B 26 16.55 -15.35 -31.87
C VAL B 26 16.55 -16.74 -32.48
N THR B 27 15.38 -17.38 -32.47
CA THR B 27 14.87 -18.08 -33.64
C THR B 27 13.55 -17.48 -34.11
N ASN B 28 12.60 -17.35 -33.19
CA ASN B 28 11.25 -16.97 -33.52
C ASN B 28 10.76 -15.88 -32.73
N LYS B 29 10.62 -14.77 -33.34
CA LYS B 29 10.30 -13.70 -32.50
C LYS B 29 8.92 -13.70 -31.93
N ASN B 30 8.11 -14.70 -32.25
CA ASN B 30 6.78 -14.82 -31.67
C ASN B 30 6.82 -15.31 -30.23
N ASN B 31 8.03 -15.51 -29.72
CA ASN B 31 8.23 -16.26 -28.48
C ASN B 31 9.29 -15.64 -27.58
N LEU B 32 9.46 -14.32 -27.71
CA LEU B 32 10.63 -13.65 -27.16
C LEU B 32 10.24 -12.38 -26.42
N ALA B 33 10.63 -12.29 -25.16
CA ALA B 33 9.97 -11.41 -24.22
C ALA B 33 10.97 -10.85 -23.23
N TRP B 34 10.59 -9.83 -22.49
CA TRP B 34 11.35 -9.40 -21.32
C TRP B 34 10.71 -9.90 -20.03
N TYR B 35 11.54 -10.20 -19.03
CA TYR B 35 11.09 -10.28 -17.65
C TYR B 35 11.85 -9.30 -16.77
N ARG B 36 11.28 -8.98 -15.61
CA ARG B 36 11.93 -8.09 -14.66
C ARG B 36 11.80 -8.62 -13.23
N GLN B 37 12.89 -9.17 -12.71
CA GLN B 37 12.97 -9.52 -11.29
C GLN B 37 13.47 -8.35 -10.46
N SER B 38 12.52 -7.62 -9.85
CA SER B 38 12.83 -6.75 -8.72
C SER B 38 13.69 -7.47 -7.69
N PHE B 39 14.74 -6.81 -7.23
CA PHE B 39 15.69 -7.42 -6.32
C PHE B 39 15.00 -8.36 -5.34
N GLY B 40 15.52 -9.58 -5.23
CA GLY B 40 15.04 -10.53 -4.25
C GLY B 40 13.53 -10.69 -4.28
N LYS B 41 12.94 -10.49 -5.47
CA LYS B 41 11.67 -11.11 -5.80
C LYS B 41 11.85 -12.31 -6.74
N VAL B 42 10.75 -12.73 -7.37
CA VAL B 42 10.83 -13.73 -8.35
C VAL B 42 10.68 -13.07 -9.74
N PRO B 43 11.32 -13.55 -10.83
CA PRO B 43 11.23 -12.67 -12.05
C PRO B 43 9.84 -12.74 -12.71
N GLN B 44 9.55 -11.81 -13.62
CA GLN B 44 8.18 -11.62 -14.11
C GLN B 44 8.17 -11.26 -15.58
N TYR B 45 7.54 -12.12 -16.39
CA TYR B 45 7.03 -11.71 -17.69
C TYR B 45 6.43 -10.30 -17.63
N PHE B 46 6.84 -9.46 -18.58
CA PHE B 46 6.82 -8.02 -18.38
C PHE B 46 6.39 -7.29 -19.64
N VAL B 47 6.97 -7.68 -20.77
CA VAL B 47 6.50 -7.24 -22.05
C VAL B 47 7.02 -8.15 -23.11
N ARG B 48 6.20 -8.43 -24.10
CA ARG B 48 6.54 -9.41 -25.12
C ARG B 48 6.52 -8.79 -26.52
N TYR B 49 6.86 -9.59 -27.52
CA TYR B 49 6.86 -9.12 -28.90
C TYR B 49 5.47 -9.24 -29.53
N TYR B 50 5.16 -8.33 -30.43
CA TYR B 50 3.80 -8.23 -30.98
C TYR B 50 3.67 -7.82 -32.43
N SER B 51 3.01 -8.64 -33.27
CA SER B 51 2.73 -8.28 -34.73
C SER B 51 1.77 -7.15 -34.71
N SER B 52 2.38 -5.93 -34.68
CA SER B 52 1.81 -4.61 -34.37
C SER B 52 2.79 -3.54 -34.75
N ASN B 53 2.30 -2.32 -34.85
CA ASN B 53 3.09 -1.21 -35.43
C ASN B 53 4.28 -0.93 -34.53
N SER B 54 3.95 -0.75 -33.26
CA SER B 54 4.88 -0.64 -32.22
C SER B 54 5.54 -1.99 -32.00
N GLY B 55 4.82 -3.06 -32.28
CA GLY B 55 5.40 -4.39 -32.31
C GLY B 55 5.79 -4.89 -30.93
N TYR B 56 5.10 -4.36 -29.90
CA TYR B 56 5.14 -4.96 -28.58
C TYR B 56 3.83 -4.74 -27.84
N LYS B 57 3.71 -5.35 -26.66
CA LYS B 57 2.54 -5.17 -25.82
C LYS B 57 2.81 -5.60 -24.39
N PHE B 58 2.57 -4.70 -23.44
CA PHE B 58 2.91 -4.95 -22.07
C PHE B 58 2.11 -5.99 -21.39
N ALA B 59 2.77 -6.60 -20.41
CA ALA B 59 2.11 -7.50 -19.47
C ALA B 59 0.70 -6.90 -19.00
N GLU B 60 -0.34 -7.78 -18.97
CA GLU B 60 -1.67 -7.33 -18.54
C GLU B 60 -1.77 -6.70 -17.10
N GLY B 61 -0.99 -7.24 -16.18
CA GLY B 61 -0.77 -6.55 -14.93
C GLY B 61 -0.11 -5.19 -14.98
N PHE B 62 0.20 -4.66 -16.18
CA PHE B 62 1.19 -3.49 -16.26
C PHE B 62 0.78 -2.17 -16.94
N LYS B 63 0.82 -1.09 -16.16
CA LYS B 63 0.63 0.25 -16.71
C LYS B 63 1.66 1.22 -16.15
N ASP B 64 2.47 1.79 -17.04
CA ASP B 64 3.39 2.87 -16.66
C ASP B 64 3.99 3.53 -17.90
N SER B 65 3.67 4.81 -18.08
CA SER B 65 3.92 5.45 -19.28
C SER B 65 5.30 5.66 -19.51
N ARG B 66 6.11 5.64 -18.46
CA ARG B 66 7.57 5.69 -18.60
C ARG B 66 8.11 4.68 -19.61
N PHE B 67 7.47 3.52 -19.69
CA PHE B 67 8.08 2.33 -20.17
C PHE B 67 7.89 2.24 -21.62
N SER B 68 8.93 2.03 -22.42
CA SER B 68 8.45 1.63 -23.73
C SER B 68 9.54 0.87 -24.37
N MET B 69 9.36 0.45 -25.64
CA MET B 69 10.29 -0.44 -26.46
C MET B 69 10.54 0.14 -27.81
N THR B 70 11.75 -0.05 -28.34
CA THR B 70 12.06 0.34 -29.70
C THR B 70 12.13 -0.87 -30.63
N VAL B 71 10.97 -1.36 -31.04
CA VAL B 71 10.88 -2.65 -31.71
C VAL B 71 10.90 -2.49 -33.22
N ASN B 72 11.97 -2.97 -33.84
CA ASN B 72 12.08 -2.97 -35.30
C ASN B 72 12.79 -4.20 -35.83
N ASP B 73 13.33 -4.09 -37.04
CA ASP B 73 14.06 -5.21 -37.65
C ASP B 73 15.24 -5.63 -36.78
N GLN B 74 15.96 -4.65 -36.25
CA GLN B 74 17.19 -4.92 -35.53
C GLN B 74 17.04 -5.16 -34.02
N LYS B 75 15.99 -4.59 -33.45
CA LYS B 75 16.02 -4.17 -32.06
C LYS B 75 14.89 -4.88 -31.34
N PHE B 76 15.11 -5.24 -30.09
CA PHE B 76 13.99 -5.48 -29.20
C PHE B 76 14.15 -4.66 -27.84
N ASP B 77 14.09 -3.34 -27.94
CA ASP B 77 14.86 -2.47 -27.05
C ASP B 77 13.98 -1.86 -25.97
N LEU B 78 14.37 -2.05 -24.71
CA LEU B 78 13.55 -1.61 -23.58
C LEU B 78 14.01 -0.25 -23.07
N ASN B 79 13.09 0.70 -23.05
CA ASN B 79 13.43 2.08 -22.71
C ASN B 79 12.69 2.56 -21.46
N ILE B 80 13.38 3.34 -20.63
CA ILE B 80 12.76 3.99 -19.50
C ILE B 80 12.89 5.47 -19.37
N ILE B 81 11.78 6.20 -19.36
CA ILE B 81 11.89 7.64 -19.17
C ILE B 81 12.05 8.19 -17.65
N GLY B 82 13.17 8.68 -17.15
CA GLY B 82 13.20 9.23 -15.82
C GLY B 82 13.34 8.03 -14.94
N ALA B 83 14.33 7.23 -15.21
CA ALA B 83 14.63 6.17 -14.24
C ALA B 83 14.42 6.65 -12.83
N ARG B 84 13.64 5.93 -12.05
CA ARG B 84 13.56 6.15 -10.60
C ARG B 84 13.82 4.87 -9.81
N GLU B 85 14.83 4.92 -8.94
CA GLU B 85 14.94 3.98 -7.78
C GLU B 85 14.28 2.60 -7.81
N ASP B 86 12.99 2.57 -8.10
CA ASP B 86 12.23 1.33 -8.07
C ASP B 86 11.96 0.82 -9.48
N ASP B 87 12.62 1.42 -10.46
CA ASP B 87 12.88 0.76 -11.74
C ASP B 87 14.08 -0.18 -11.64
N GLY B 88 14.87 -0.01 -10.59
CA GLY B 88 16.00 -0.89 -10.33
C GLY B 88 15.59 -2.33 -10.17
N GLY B 89 16.56 -3.24 -10.25
CA GLY B 89 16.29 -4.64 -10.47
C GLY B 89 17.10 -5.22 -11.61
N GLU B 90 16.55 -6.22 -12.29
CA GLU B 90 17.32 -7.05 -13.22
C GLU B 90 16.32 -7.37 -14.29
N TYR B 91 16.79 -7.31 -15.58
CA TYR B 91 15.87 -7.55 -16.63
C TYR B 91 16.53 -8.41 -17.57
N PHE B 92 15.78 -9.41 -18.08
CA PHE B 92 16.31 -10.33 -19.01
C PHE B 92 15.36 -10.48 -20.17
N CYS B 93 16.00 -10.93 -21.25
CA CYS B 93 15.35 -11.04 -22.48
C CYS B 93 15.54 -12.48 -22.85
N GLY B 94 14.48 -13.11 -23.30
CA GLY B 94 14.76 -14.55 -23.58
C GLY B 94 13.63 -15.09 -24.35
N GLU B 95 13.77 -16.22 -24.93
CA GLU B 95 12.74 -16.60 -25.86
C GLU B 95 12.42 -18.08 -25.58
N VAL B 96 11.13 -18.39 -25.57
CA VAL B 96 10.67 -19.74 -25.26
C VAL B 96 10.91 -20.68 -26.44
N GLU B 97 11.38 -21.89 -26.14
CA GLU B 97 11.82 -22.81 -27.17
C GLU B 97 11.61 -24.26 -26.76
N GLY B 98 10.55 -24.87 -27.30
CA GLY B 98 9.85 -25.93 -26.59
C GLY B 98 9.43 -25.52 -25.19
N ILE B 99 10.16 -26.01 -24.20
CA ILE B 99 9.66 -26.05 -22.87
C ILE B 99 10.72 -25.39 -21.99
N ILE B 100 11.52 -24.52 -22.61
CA ILE B 100 12.74 -23.99 -22.02
C ILE B 100 12.58 -22.55 -22.39
N ILE B 101 13.14 -21.60 -21.67
CA ILE B 101 13.30 -20.37 -22.22
C ILE B 101 14.78 -20.23 -22.24
N LYS B 102 15.24 -19.42 -23.20
CA LYS B 102 16.66 -19.12 -23.35
C LYS B 102 16.90 -17.61 -23.27
N PHE B 103 17.61 -17.19 -22.22
CA PHE B 103 17.83 -15.77 -21.98
C PHE B 103 19.06 -15.28 -22.74
N THR B 104 18.82 -14.45 -23.75
CA THR B 104 19.88 -14.04 -24.66
C THR B 104 20.78 -12.97 -24.04
N SER B 105 20.26 -12.29 -23.03
CA SER B 105 21.00 -11.23 -22.36
C SER B 105 20.32 -10.81 -21.06
N GLY B 106 20.73 -9.67 -20.52
CA GLY B 106 19.80 -8.77 -19.79
C GLY B 106 20.71 -7.86 -19.08
N THR B 107 20.19 -7.04 -18.16
CA THR B 107 20.88 -5.89 -17.58
C THR B 107 20.58 -5.79 -16.10
N ARG B 108 21.60 -5.63 -15.26
CA ARG B 108 21.39 -5.30 -13.85
C ARG B 108 21.45 -3.80 -13.62
N LEU B 109 20.32 -3.13 -13.84
CA LEU B 109 20.21 -1.72 -13.53
C LEU B 109 20.37 -1.45 -12.04
N GLN B 110 21.24 -0.50 -11.70
CA GLN B 110 21.29 0.03 -10.34
C GLN B 110 21.54 1.54 -10.36
N PHE B 111 21.54 2.15 -9.18
CA PHE B 111 21.26 3.58 -9.06
C PHE B 111 22.41 4.31 -8.37
N GLU B 112 23.01 5.25 -9.07
CA GLU B 112 22.84 6.67 -8.76
C GLU B 112 24.18 7.37 -8.62
N GLY B 113 25.25 6.59 -8.56
CA GLY B 113 25.26 5.37 -7.77
C GLY B 113 25.65 5.61 -6.32
N SER B 114 24.65 5.71 -5.45
CA SER B 114 24.76 6.54 -4.25
C SER B 114 23.95 5.96 -3.11
N ASN B 115 24.45 6.12 -1.88
CA ASN B 115 24.10 7.27 -1.07
C ASN B 115 24.34 8.59 -1.80
N GLU B 116 23.37 8.99 -2.62
CA GLU B 116 23.36 10.32 -3.20
C GLU B 116 22.92 11.36 -2.17
N GLY B 117 23.86 12.17 -1.72
CA GLY B 117 23.63 13.08 -0.55
C GLY B 117 24.87 13.33 0.33
N SER B 118 24.67 14.02 1.44
CA SER B 118 25.74 14.79 2.07
C SER B 118 25.68 14.67 3.59
N LYS B 119 24.58 15.14 4.17
CA LYS B 119 24.20 14.74 5.51
C LYS B 119 23.78 13.27 5.56
N SER B 120 24.60 12.40 4.97
CA SER B 120 24.32 10.98 4.95
C SER B 120 24.19 10.43 6.37
N SER B 121 25.26 10.53 7.14
CA SER B 121 26.14 9.39 7.38
C SER B 121 26.47 9.24 8.86
N ASP B 122 26.13 8.08 9.41
CA ASP B 122 26.77 7.61 10.63
C ASP B 122 28.36 7.91 10.70
N GLY B 123 29.08 7.56 9.63
CA GLY B 123 30.52 7.80 9.54
C GLY B 123 31.25 6.89 8.54
N GLU B 124 32.35 7.39 7.99
CA GLU B 124 33.44 6.53 7.54
C GLU B 124 34.38 7.29 6.61
N GLY B 125 35.13 6.55 5.80
CA GLY B 125 35.48 6.99 4.47
C GLY B 125 34.59 6.41 3.40
N SER B 126 34.74 5.11 3.14
CA SER B 126 35.68 4.63 2.15
C SER B 126 35.08 4.67 0.75
N SER B 127 34.45 3.57 0.34
CA SER B 127 35.00 2.24 0.57
C SER B 127 35.15 1.47 -0.74
N CYS B 128 35.65 0.25 -0.65
CA CYS B 128 35.15 -0.72 0.32
C CYS B 128 35.94 -2.02 0.25
N ILE C 3 -7.30 -15.57 -0.84
CA ILE C 3 -7.99 -15.03 0.33
C ILE C 3 -7.37 -15.55 1.62
N LYS C 4 -7.13 -14.64 2.56
CA LYS C 4 -6.23 -14.92 3.67
C LYS C 4 -6.65 -15.99 4.66
N GLU C 5 -5.67 -16.69 5.19
CA GLU C 5 -5.84 -17.89 5.96
C GLU C 5 -5.56 -17.51 7.35
N LEU C 6 -6.45 -17.95 8.24
CA LEU C 6 -6.25 -17.81 9.67
C LEU C 6 -4.96 -18.46 10.15
N HIS C 7 -4.39 -17.93 11.22
CA HIS C 7 -3.19 -18.50 11.81
C HIS C 7 -3.52 -19.32 13.05
N VAL C 8 -3.34 -20.64 12.95
CA VAL C 8 -3.84 -21.58 14.04
C VAL C 8 -2.79 -21.90 15.10
N LYS C 9 -3.10 -21.85 16.35
CA LYS C 9 -2.10 -21.61 17.30
C LYS C 9 -2.60 -22.56 18.28
N THR C 10 -1.97 -23.72 18.51
CA THR C 10 -2.57 -24.54 19.58
C THR C 10 -1.70 -24.15 20.73
N VAL C 11 -2.22 -24.19 21.98
CA VAL C 11 -1.64 -23.68 23.16
C VAL C 11 -2.17 -24.44 24.44
N LYS C 12 -1.61 -24.33 25.70
CA LYS C 12 -1.81 -25.27 26.90
C LYS C 12 -2.24 -24.44 28.07
N ARG C 13 -3.02 -24.86 29.08
CA ARG C 13 -3.34 -23.85 30.17
C ARG C 13 -2.15 -23.19 30.81
N GLY C 14 -2.16 -21.86 30.90
CA GLY C 14 -1.11 -21.14 31.60
C GLY C 14 -0.14 -20.48 30.65
N GLU C 15 -0.13 -20.93 29.40
CA GLU C 15 0.60 -20.24 28.34
C GLU C 15 0.12 -18.79 28.20
N ASN C 16 1.06 -17.90 27.91
CA ASN C 16 0.73 -16.59 27.38
C ASN C 16 0.78 -16.56 25.85
N VAL C 17 -0.26 -16.00 25.23
CA VAL C 17 -0.35 -15.95 23.79
C VAL C 17 -0.42 -14.51 23.29
N THR C 18 0.13 -14.27 22.10
CA THR C 18 -0.03 -12.99 21.43
C THR C 18 -0.39 -13.17 19.95
N MET C 19 -1.52 -12.62 19.54
CA MET C 19 -2.01 -12.79 18.14
C MET C 19 -1.70 -11.56 17.45
N GLU C 20 -1.50 -11.44 16.15
CA GLU C 20 -0.75 -10.43 15.60
C GLU C 20 -1.57 -9.62 14.72
N CYS C 21 -1.44 -8.35 14.65
CA CYS C 21 -2.15 -7.71 13.58
C CYS C 21 -1.30 -6.46 13.30
N SER C 22 -1.20 -6.09 12.03
CA SER C 22 -0.10 -5.26 11.56
C SER C 22 -0.59 -3.87 11.15
N MET C 23 -0.10 -2.85 11.84
CA MET C 23 -0.45 -1.47 11.52
C MET C 23 -0.02 -1.12 10.10
N SER C 24 0.91 -1.88 9.56
CA SER C 24 1.15 -1.92 8.12
C SER C 24 -0.17 -1.94 7.35
N LYS C 25 -0.49 -0.82 6.70
CA LYS C 25 -1.60 -0.76 5.77
C LYS C 25 -2.90 -0.40 6.47
N VAL C 26 -2.84 -0.28 7.80
CA VAL C 26 -3.82 0.50 8.54
C VAL C 26 -4.01 1.88 7.91
N THR C 27 -5.25 2.18 7.55
CA THR C 27 -5.58 3.51 6.85
C THR C 27 -6.18 4.44 7.82
N ASN C 28 -7.18 4.02 8.60
CA ASN C 28 -7.59 4.80 9.76
C ASN C 28 -7.56 4.14 11.15
N LYS C 29 -6.63 4.65 11.94
CA LYS C 29 -6.25 3.84 13.00
C LYS C 29 -7.43 3.73 13.83
N ASN C 30 -8.37 4.64 13.70
CA ASN C 30 -9.35 4.69 14.78
C ASN C 30 -10.40 3.83 14.42
N ASN C 31 -10.34 3.43 13.15
CA ASN C 31 -11.23 2.36 12.80
C ASN C 31 -10.73 1.01 12.97
N LEU C 32 -9.71 0.81 13.80
CA LEU C 32 -9.08 -0.50 13.94
C LEU C 32 -9.51 -1.18 15.23
N ALA C 33 -9.76 -2.48 15.15
CA ALA C 33 -10.27 -3.24 16.29
C ALA C 33 -10.08 -4.74 16.08
N TRP C 34 -9.75 -5.45 17.15
CA TRP C 34 -9.99 -6.88 17.22
C TRP C 34 -11.44 -7.20 17.51
N TYR C 35 -11.94 -8.30 16.94
CA TYR C 35 -13.25 -8.85 17.32
C TYR C 35 -13.14 -10.22 17.78
N ARG C 36 -13.82 -10.57 18.86
CA ARG C 36 -13.73 -11.92 19.42
C ARG C 36 -14.92 -12.76 19.01
N GLN C 37 -14.66 -14.01 18.64
CA GLN C 37 -15.71 -15.01 18.49
C GLN C 37 -15.34 -16.31 19.21
N SER C 38 -16.00 -16.56 20.33
CA SER C 38 -16.06 -17.92 20.88
C SER C 38 -16.66 -18.89 19.87
N PHE C 39 -16.97 -20.10 20.34
CA PHE C 39 -17.00 -21.27 19.47
C PHE C 39 -18.44 -21.74 19.24
N GLY C 40 -19.05 -21.23 18.17
CA GLY C 40 -20.49 -21.14 18.09
C GLY C 40 -21.18 -19.79 18.38
N LYS C 41 -20.51 -18.68 18.15
CA LYS C 41 -21.16 -17.47 18.59
C LYS C 41 -21.07 -16.43 17.56
N VAL C 42 -21.49 -15.27 17.90
CA VAL C 42 -21.51 -14.33 16.79
C VAL C 42 -20.40 -13.50 17.24
N PRO C 43 -19.51 -13.10 16.36
CA PRO C 43 -18.30 -12.42 16.66
C PRO C 43 -18.73 -11.12 17.26
N GLN C 44 -18.10 -10.66 18.35
CA GLN C 44 -18.41 -9.33 18.93
C GLN C 44 -17.19 -8.47 18.77
N TYR C 45 -17.34 -7.16 18.62
CA TYR C 45 -16.22 -6.25 18.89
C TYR C 45 -15.67 -6.39 20.31
N PHE C 46 -14.34 -6.39 20.47
CA PHE C 46 -13.73 -6.93 21.68
C PHE C 46 -12.70 -5.98 22.25
N VAL C 47 -12.01 -5.26 21.37
CA VAL C 47 -11.06 -4.23 21.77
C VAL C 47 -10.55 -3.44 20.58
N ARG C 48 -10.38 -2.14 20.77
CA ARG C 48 -10.25 -1.21 19.65
C ARG C 48 -9.11 -0.23 19.88
N TYR C 49 -8.46 0.19 18.79
CA TYR C 49 -7.39 1.17 18.86
C TYR C 49 -7.85 2.44 19.57
N TYR C 50 -6.97 3.01 20.39
CA TYR C 50 -7.29 4.20 21.16
C TYR C 50 -6.10 5.15 21.22
N SER C 51 -6.24 6.31 20.60
CA SER C 51 -5.20 7.46 20.77
C SER C 51 -4.73 7.78 22.13
N SER C 52 -3.68 7.13 22.61
CA SER C 52 -3.27 7.18 23.96
C SER C 52 -1.95 6.34 24.04
N ASN C 53 -1.38 6.30 25.23
CA ASN C 53 -0.06 5.71 25.43
C ASN C 53 -0.07 4.20 25.22
N SER C 54 -0.99 3.52 25.90
CA SER C 54 -1.07 2.07 25.85
C SER C 54 -1.83 1.60 24.62
N GLY C 55 -2.76 2.43 24.16
CA GLY C 55 -3.02 2.57 22.73
C GLY C 55 -4.31 1.91 22.30
N TYR C 56 -5.15 1.58 23.28
CA TYR C 56 -6.24 0.64 23.05
C TYR C 56 -7.26 0.69 24.19
N LYS C 57 -8.53 0.65 23.83
CA LYS C 57 -9.60 0.52 24.82
C LYS C 57 -10.44 -0.72 24.54
N PHE C 58 -10.65 -1.54 25.56
CA PHE C 58 -11.42 -2.81 25.41
C PHE C 58 -12.85 -2.48 25.35
N ALA C 59 -13.68 -3.38 24.85
CA ALA C 59 -15.05 -2.93 24.58
C ALA C 59 -15.81 -2.94 25.94
N GLU C 60 -16.75 -2.04 26.15
CA GLU C 60 -17.37 -1.87 27.48
C GLU C 60 -17.95 -3.13 28.02
N GLY C 61 -18.41 -4.05 27.13
CA GLY C 61 -18.74 -5.47 27.54
C GLY C 61 -17.79 -5.92 28.69
N PHE C 62 -16.49 -5.58 28.52
CA PHE C 62 -15.35 -6.44 28.86
C PHE C 62 -14.45 -6.10 30.04
N LYS C 63 -14.75 -6.75 31.16
CA LYS C 63 -13.85 -6.74 32.27
C LYS C 63 -13.07 -8.07 32.22
N ASP C 64 -11.78 -7.98 31.82
CA ASP C 64 -10.78 -9.00 32.19
C ASP C 64 -9.27 -8.64 32.06
N SER C 65 -8.58 -8.60 33.16
CA SER C 65 -7.29 -7.95 33.18
C SER C 65 -6.23 -8.74 32.42
N ARG C 66 -6.34 -10.06 32.44
CA ARG C 66 -5.41 -10.92 31.71
C ARG C 66 -5.05 -10.31 30.35
N PHE C 67 -6.02 -9.66 29.73
CA PHE C 67 -5.92 -9.30 28.31
C PHE C 67 -5.14 -8.00 28.13
N SER C 68 -4.71 -7.74 26.91
CA SER C 68 -4.04 -6.49 26.58
C SER C 68 -3.43 -6.53 25.19
N MET C 69 -2.50 -5.62 24.92
CA MET C 69 -2.09 -5.31 23.56
C MET C 69 -0.65 -4.84 23.49
N THR C 70 0.05 -5.23 22.43
CA THR C 70 1.24 -4.51 22.01
C THR C 70 0.94 -3.56 20.85
N VAL C 71 0.98 -2.26 21.14
CA VAL C 71 0.50 -1.26 20.20
C VAL C 71 1.58 -0.21 19.92
N ASN C 72 1.91 -0.03 18.65
CA ASN C 72 2.83 1.02 18.23
C ASN C 72 2.79 1.27 16.73
N ASP C 73 3.73 2.06 16.23
CA ASP C 73 3.77 2.44 14.83
C ASP C 73 3.86 1.20 13.94
N GLN C 74 4.24 0.07 14.53
CA GLN C 74 4.26 -1.20 13.82
C GLN C 74 2.98 -1.98 14.05
N LYS C 75 2.76 -2.38 15.30
CA LYS C 75 1.95 -3.55 15.59
C LYS C 75 0.71 -3.22 16.36
N PHE C 76 -0.31 -4.09 16.27
CA PHE C 76 -1.42 -4.00 17.03
C PHE C 76 -1.77 -5.38 17.61
N ASP C 77 -0.92 -5.91 18.48
CA ASP C 77 -0.98 -7.32 18.86
C ASP C 77 -1.81 -7.52 20.11
N LEU C 78 -2.69 -8.51 20.09
CA LEU C 78 -3.35 -8.99 21.29
C LEU C 78 -2.42 -9.86 22.12
N ASN C 79 -2.48 -9.69 23.45
CA ASN C 79 -1.88 -10.64 24.37
C ASN C 79 -2.92 -11.25 25.31
N ILE C 80 -2.64 -12.46 25.79
CA ILE C 80 -3.37 -13.03 26.93
C ILE C 80 -2.40 -13.65 27.87
N ILE C 81 -2.45 -13.36 29.16
CA ILE C 81 -1.56 -14.02 30.05
C ILE C 81 -2.27 -15.12 30.80
N GLY C 82 -2.05 -16.38 30.48
CA GLY C 82 -2.44 -17.51 31.40
C GLY C 82 -3.65 -18.06 30.75
N ALA C 83 -3.45 -18.72 29.62
CA ALA C 83 -4.60 -18.94 28.75
C ALA C 83 -5.43 -19.90 29.63
N ARG C 84 -6.65 -20.24 29.22
CA ARG C 84 -7.72 -20.50 30.18
C ARG C 84 -9.03 -20.81 29.45
N GLU C 85 -9.27 -22.10 29.20
CA GLU C 85 -9.49 -22.60 27.85
C GLU C 85 -10.67 -21.89 27.18
N ASP C 86 -11.53 -21.29 28.00
CA ASP C 86 -12.57 -20.40 27.49
C ASP C 86 -11.96 -19.16 26.86
N ASP C 87 -10.65 -19.16 26.68
CA ASP C 87 -10.02 -18.39 25.61
C ASP C 87 -9.72 -19.27 24.40
N GLY C 88 -10.74 -19.98 23.93
CA GLY C 88 -10.63 -20.76 22.72
C GLY C 88 -11.51 -19.96 21.76
N GLY C 89 -11.17 -19.76 20.43
CA GLY C 89 -12.06 -18.88 19.73
C GLY C 89 -11.40 -18.56 18.51
N GLU C 90 -11.95 -17.60 17.78
CA GLU C 90 -11.24 -17.08 16.64
C GLU C 90 -11.21 -15.62 17.02
N TYR C 91 -10.32 -14.78 16.35
CA TYR C 91 -10.08 -13.43 16.68
C TYR C 91 -9.75 -12.82 15.30
N PHE C 92 -10.42 -11.78 14.92
CA PHE C 92 -10.02 -11.22 13.70
C PHE C 92 -9.81 -9.76 13.93
N CYS C 93 -9.10 -9.16 13.07
CA CYS C 93 -8.76 -7.86 13.42
C CYS C 93 -9.07 -7.20 12.12
N GLY C 94 -9.74 -6.05 12.22
CA GLY C 94 -10.20 -5.47 11.00
C GLY C 94 -10.33 -4.01 11.14
N GLU C 95 -10.26 -3.33 10.00
CA GLU C 95 -10.45 -1.93 9.98
C GLU C 95 -11.86 -1.57 9.21
N VAL C 96 -12.62 -0.65 9.76
CA VAL C 96 -13.91 -0.28 9.20
C VAL C 96 -13.79 0.90 8.25
N GLU C 97 -14.32 0.74 7.04
CA GLU C 97 -13.94 1.59 5.91
C GLU C 97 -14.89 1.39 4.74
N GLY C 98 -15.53 2.47 4.31
CA GLY C 98 -16.78 2.37 3.57
C GLY C 98 -17.94 1.93 4.44
N ILE C 99 -18.52 0.77 4.10
CA ILE C 99 -19.63 0.23 4.86
C ILE C 99 -19.59 -1.30 4.88
N ILE C 100 -18.68 -1.85 5.69
CA ILE C 100 -17.61 -2.70 5.18
C ILE C 100 -16.42 -2.72 6.13
N ILE C 101 -16.11 -3.91 6.65
CA ILE C 101 -14.94 -4.08 7.49
C ILE C 101 -14.00 -5.14 6.92
N LYS C 102 -12.74 -4.78 6.73
CA LYS C 102 -11.78 -5.63 6.04
C LYS C 102 -10.79 -6.24 7.01
N PHE C 103 -11.13 -7.41 7.55
CA PHE C 103 -10.22 -8.14 8.43
C PHE C 103 -8.93 -8.49 7.72
N THR C 104 -7.80 -8.33 8.41
CA THR C 104 -6.50 -8.32 7.77
C THR C 104 -5.78 -9.39 8.50
N SER C 105 -6.37 -10.04 9.47
CA SER C 105 -5.66 -11.29 9.83
C SER C 105 -6.37 -11.81 10.96
N GLY C 106 -6.24 -13.03 11.43
CA GLY C 106 -6.87 -13.35 12.77
C GLY C 106 -6.48 -14.75 13.05
N THR C 107 -6.87 -15.25 14.17
CA THR C 107 -6.07 -16.38 14.60
C THR C 107 -6.94 -17.41 15.26
N ARG C 108 -6.62 -18.71 15.14
CA ARG C 108 -7.37 -19.74 15.83
C ARG C 108 -6.55 -20.31 17.00
N LEU C 109 -6.49 -19.56 18.09
CA LEU C 109 -6.24 -20.13 19.40
C LEU C 109 -7.24 -21.25 19.71
N GLN C 110 -6.76 -22.49 19.68
CA GLN C 110 -7.45 -23.58 20.31
C GLN C 110 -6.55 -24.25 21.22
N PHE C 111 -7.09 -24.70 22.34
CA PHE C 111 -6.29 -24.99 23.52
C PHE C 111 -5.52 -26.30 23.35
N GLU C 112 -4.70 -26.63 24.35
CA GLU C 112 -4.19 -27.98 24.50
C GLU C 112 -5.14 -29.00 23.89
N GLY C 113 -4.59 -30.10 23.39
CA GLY C 113 -5.33 -31.03 22.57
C GLY C 113 -6.37 -31.81 23.36
N SER C 114 -6.63 -33.04 22.95
CA SER C 114 -6.56 -34.18 23.85
C SER C 114 -5.27 -34.97 23.66
N ASN C 115 -4.90 -35.76 24.67
CA ASN C 115 -3.51 -35.83 25.11
C ASN C 115 -3.23 -34.88 26.27
N GLU C 116 -3.70 -35.26 27.46
CA GLU C 116 -2.97 -34.96 28.72
C GLU C 116 -2.80 -36.13 29.75
N GLY C 117 -2.18 -35.84 30.91
CA GLY C 117 -1.73 -36.88 31.85
C GLY C 117 -2.88 -37.82 32.08
N SER C 118 -2.86 -39.00 31.44
CA SER C 118 -4.05 -39.92 31.41
C SER C 118 -4.32 -40.75 32.70
N LYS C 119 -4.88 -41.97 32.57
CA LYS C 119 -5.82 -42.51 33.62
C LYS C 119 -7.09 -41.57 33.74
N SER C 120 -7.44 -40.94 32.57
CA SER C 120 -8.44 -39.81 32.32
C SER C 120 -9.93 -40.22 31.94
N SER C 121 -10.27 -40.05 30.67
CA SER C 121 -11.36 -40.80 30.06
C SER C 121 -10.91 -41.53 28.80
N ASP C 122 -10.52 -42.79 28.97
CA ASP C 122 -10.02 -43.59 27.85
C ASP C 122 -8.75 -42.99 27.26
N GLY C 123 -7.60 -43.56 27.62
CA GLY C 123 -7.11 -44.76 26.96
C GLY C 123 -7.53 -44.83 25.51
N GLU C 124 -8.55 -44.06 25.15
CA GLU C 124 -8.67 -43.51 23.81
C GLU C 124 -7.55 -42.52 23.51
N GLY C 125 -6.69 -42.87 22.55
CA GLY C 125 -6.85 -42.41 21.19
C GLY C 125 -7.67 -41.14 21.10
N SER C 126 -7.16 -40.06 21.68
CA SER C 126 -5.76 -39.71 21.53
C SER C 126 -5.31 -39.78 20.07
N SER C 127 -6.03 -40.56 19.28
CA SER C 127 -5.88 -40.53 17.83
C SER C 127 -6.51 -41.76 17.18
N CYS C 128 -7.52 -41.54 16.35
CA CYS C 128 -8.42 -42.61 15.94
C CYS C 128 -8.97 -42.36 14.54
N ILE D 3 -24.43 -12.01 24.62
CA ILE D 3 -23.84 -12.73 23.50
C ILE D 3 -24.88 -13.57 22.78
N LYS D 4 -24.70 -13.73 21.47
CA LYS D 4 -25.77 -14.22 20.61
C LYS D 4 -25.30 -15.40 19.77
N GLU D 5 -25.72 -16.60 20.15
CA GLU D 5 -25.31 -17.82 19.47
C GLU D 5 -25.49 -17.69 17.97
N LEU D 6 -24.66 -18.41 17.21
CA LEU D 6 -24.98 -18.76 15.83
C LEU D 6 -26.25 -19.61 15.76
N HIS D 7 -26.77 -19.79 14.56
CA HIS D 7 -27.80 -20.79 14.31
C HIS D 7 -27.08 -21.94 13.61
N VAL D 8 -27.21 -23.12 14.18
CA VAL D 8 -26.62 -24.32 13.61
C VAL D 8 -27.54 -24.96 12.57
N LYS D 9 -27.16 -24.88 11.30
CA LYS D 9 -27.95 -25.42 10.21
C LYS D 9 -27.22 -26.58 9.52
N THR D 10 -27.48 -27.79 9.99
CA THR D 10 -26.80 -28.99 9.44
C THR D 10 -27.59 -29.45 8.13
N VAL D 11 -26.98 -29.93 7.06
CA VAL D 11 -27.67 -29.74 5.87
C VAL D 11 -27.28 -30.91 4.90
N LYS D 12 -27.94 -31.21 3.77
CA LYS D 12 -27.58 -32.43 3.02
C LYS D 12 -27.09 -31.89 1.73
N ARG D 13 -26.38 -32.68 0.93
CA ARG D 13 -25.85 -32.19 -0.34
C ARG D 13 -26.95 -32.05 -1.38
N GLY D 14 -27.22 -30.81 -1.78
CA GLY D 14 -28.24 -30.54 -2.79
C GLY D 14 -29.43 -29.81 -2.21
N GLU D 15 -29.64 -29.95 -0.90
CA GLU D 15 -30.63 -29.15 -0.19
C GLU D 15 -30.55 -27.68 -0.61
N ASN D 16 -31.66 -26.97 -0.45
CA ASN D 16 -31.65 -25.51 -0.45
C ASN D 16 -31.66 -24.94 0.96
N VAL D 17 -30.81 -23.94 1.18
CA VAL D 17 -30.67 -23.34 2.50
C VAL D 17 -30.94 -21.84 2.47
N THR D 18 -31.70 -21.36 3.45
CA THR D 18 -31.81 -19.88 3.72
C THR D 18 -31.22 -19.49 4.99
N MET D 19 -30.47 -18.41 4.90
CA MET D 19 -30.05 -17.92 6.20
C MET D 19 -30.61 -16.57 6.62
N GLU D 20 -31.13 -16.51 7.84
CA GLU D 20 -31.97 -15.40 8.26
C GLU D 20 -31.10 -14.29 8.86
N CYS D 21 -31.26 -13.08 8.35
CA CYS D 21 -31.16 -11.88 9.16
C CYS D 21 -32.49 -11.13 9.21
N SER D 22 -32.94 -10.81 10.42
CA SER D 22 -34.16 -10.02 10.60
C SER D 22 -33.89 -8.54 10.37
N MET D 23 -34.65 -7.94 9.46
CA MET D 23 -34.64 -6.50 9.28
C MET D 23 -34.69 -5.77 10.62
N SER D 24 -35.72 -6.06 11.41
CA SER D 24 -35.94 -5.37 12.67
C SER D 24 -34.63 -5.14 13.42
N LYS D 25 -34.40 -3.90 13.85
CA LYS D 25 -33.38 -3.62 14.85
C LYS D 25 -32.01 -3.45 14.20
N VAL D 26 -31.95 -3.68 12.90
CA VAL D 26 -31.03 -2.93 12.04
C VAL D 26 -31.29 -1.43 12.14
N THR D 27 -30.22 -0.67 12.38
CA THR D 27 -30.32 0.78 12.45
C THR D 27 -30.52 1.40 11.08
N ASN D 28 -29.50 1.30 10.23
CA ASN D 28 -29.40 2.12 9.04
C ASN D 28 -29.09 1.30 7.80
N LYS D 29 -30.11 0.61 7.27
CA LYS D 29 -29.88 -0.45 6.30
C LYS D 29 -29.42 0.11 4.97
N ASN D 30 -28.49 1.06 5.02
CA ASN D 30 -27.40 1.11 4.07
C ASN D 30 -26.05 0.47 4.60
N ASN D 31 -25.95 0.13 5.90
CA ASN D 31 -24.76 -0.42 6.28
C ASN D 31 -24.89 -1.87 6.72
N LEU D 32 -25.56 -2.72 5.95
CA LEU D 32 -26.02 -4.01 6.53
C LEU D 32 -25.34 -4.91 5.62
N ALA D 33 -24.68 -5.94 6.13
CA ALA D 33 -23.93 -6.85 5.29
C ALA D 33 -23.93 -8.26 5.88
N TRP D 34 -23.90 -9.27 5.01
CA TRP D 34 -23.43 -10.59 5.39
C TRP D 34 -21.91 -10.72 5.22
N TYR D 35 -21.33 -11.71 5.89
CA TYR D 35 -19.88 -11.96 5.79
C TYR D 35 -19.85 -13.39 5.85
N ARG D 36 -18.84 -13.93 5.15
CA ARG D 36 -18.68 -15.38 5.08
C ARG D 36 -17.29 -15.74 5.56
N GLN D 37 -17.20 -16.85 6.27
CA GLN D 37 -15.91 -17.33 6.76
C GLN D 37 -15.78 -18.85 6.58
N SER D 38 -15.53 -19.28 5.36
CA SER D 38 -14.87 -20.56 5.11
C SER D 38 -14.02 -20.97 6.30
N PHE D 39 -14.34 -22.13 6.86
CA PHE D 39 -13.61 -22.64 8.02
C PHE D 39 -12.10 -22.41 7.87
N GLY D 40 -11.44 -22.10 8.98
CA GLY D 40 -10.04 -21.85 8.97
C GLY D 40 -9.75 -20.59 8.12
N LYS D 41 -10.78 -19.98 7.55
CA LYS D 41 -10.60 -18.75 6.79
C LYS D 41 -11.04 -17.53 7.62
N VAL D 42 -10.53 -16.36 7.24
CA VAL D 42 -10.84 -15.14 7.96
C VAL D 42 -11.87 -14.29 7.19
N PRO D 43 -12.92 -13.88 7.88
CA PRO D 43 -14.25 -13.66 7.25
C PRO D 43 -14.23 -12.59 6.13
N GLN D 44 -15.07 -12.59 5.13
CA GLN D 44 -14.87 -11.59 4.05
C GLN D 44 -16.19 -11.03 3.86
N TYR D 45 -16.27 -9.72 3.65
CA TYR D 45 -17.52 -9.09 3.21
C TYR D 45 -18.01 -9.67 1.89
N PHE D 46 -19.31 -9.87 1.78
CA PHE D 46 -19.86 -10.92 0.93
C PHE D 46 -20.95 -10.37 0.02
N VAL D 47 -22.02 -9.87 0.62
CA VAL D 47 -22.99 -9.14 -0.08
C VAL D 47 -23.61 -8.12 0.88
N ARG D 48 -24.00 -6.96 0.36
CA ARG D 48 -24.54 -5.88 1.17
C ARG D 48 -25.91 -5.43 0.68
N TYR D 49 -26.62 -4.68 1.51
CA TYR D 49 -27.84 -3.99 1.08
C TYR D 49 -27.59 -3.16 -0.17
N TYR D 50 -28.57 -3.13 -1.05
CA TYR D 50 -28.66 -2.07 -2.08
C TYR D 50 -30.03 -1.43 -2.36
N SER D 51 -30.09 -0.08 -2.46
CA SER D 51 -31.35 0.69 -2.89
C SER D 51 -31.50 0.47 -4.37
N SER D 52 -32.29 -0.63 -4.65
CA SER D 52 -32.39 -1.44 -5.85
C SER D 52 -33.48 -2.40 -5.58
N ASN D 53 -34.05 -2.96 -6.67
CA ASN D 53 -35.39 -3.73 -6.60
C ASN D 53 -35.13 -5.03 -5.95
N SER D 54 -34.20 -5.78 -6.50
CA SER D 54 -33.83 -6.95 -5.88
C SER D 54 -33.28 -6.54 -4.53
N GLY D 55 -32.78 -5.33 -4.24
CA GLY D 55 -32.35 -5.15 -2.80
C GLY D 55 -30.87 -5.51 -2.33
N TYR D 56 -30.00 -6.12 -3.13
CA TYR D 56 -28.76 -6.31 -2.63
C TYR D 56 -27.71 -6.31 -3.75
N LYS D 57 -26.46 -6.35 -3.41
CA LYS D 57 -25.50 -6.36 -4.46
C LYS D 57 -24.37 -7.18 -3.81
N PHE D 58 -23.80 -8.10 -4.61
CA PHE D 58 -22.75 -8.94 -4.18
C PHE D 58 -21.37 -8.32 -4.27
N ALA D 59 -20.53 -8.92 -3.46
CA ALA D 59 -19.21 -8.53 -3.40
C ALA D 59 -18.62 -8.65 -4.84
N GLU D 60 -18.05 -7.54 -5.30
CA GLU D 60 -17.11 -7.54 -6.43
C GLU D 60 -16.20 -8.73 -6.64
N GLY D 61 -15.79 -9.42 -5.63
CA GLY D 61 -15.19 -10.67 -5.99
C GLY D 61 -16.13 -11.82 -6.34
N PHE D 62 -17.39 -11.58 -6.81
CA PHE D 62 -18.40 -12.70 -6.70
C PHE D 62 -19.40 -13.01 -7.84
N LYS D 63 -19.43 -14.27 -8.25
CA LYS D 63 -20.50 -14.79 -9.09
C LYS D 63 -20.76 -16.26 -8.82
N ASP D 64 -22.03 -16.61 -8.61
CA ASP D 64 -22.40 -17.98 -8.29
C ASP D 64 -23.91 -18.17 -8.38
N SER D 65 -24.37 -18.58 -9.56
CA SER D 65 -25.79 -18.54 -9.88
C SER D 65 -26.65 -18.92 -8.67
N ARG D 66 -26.06 -19.70 -7.78
CA ARG D 66 -26.79 -20.30 -6.74
C ARG D 66 -27.10 -19.35 -5.50
N PHE D 67 -26.37 -18.22 -5.40
CA PHE D 67 -26.47 -17.48 -4.17
C PHE D 67 -27.52 -16.44 -4.34
N SER D 68 -28.45 -16.24 -3.43
CA SER D 68 -29.15 -15.04 -3.69
C SER D 68 -29.69 -14.61 -2.43
N MET D 69 -30.39 -13.48 -2.37
CA MET D 69 -31.16 -13.10 -1.18
C MET D 69 -32.61 -12.81 -1.54
N THR D 70 -33.52 -13.12 -0.61
CA THR D 70 -34.75 -12.37 -0.47
C THR D 70 -34.55 -11.15 0.43
N VAL D 71 -34.72 -9.96 -0.15
CA VAL D 71 -34.61 -8.78 0.58
C VAL D 71 -35.95 -8.05 0.40
N ASN D 72 -36.69 -7.77 1.45
CA ASN D 72 -37.71 -6.73 1.42
C ASN D 72 -37.63 -5.79 2.60
N ASP D 73 -38.78 -5.49 3.22
CA ASP D 73 -38.83 -4.66 4.41
C ASP D 73 -38.51 -5.46 5.66
N GLN D 74 -38.96 -6.70 5.69
CA GLN D 74 -38.84 -7.53 6.89
C GLN D 74 -37.42 -8.06 7.05
N LYS D 75 -36.77 -8.33 5.92
CA LYS D 75 -36.10 -9.60 5.69
C LYS D 75 -34.86 -9.42 4.80
N PHE D 76 -33.71 -9.79 5.35
CA PHE D 76 -32.47 -9.71 4.68
C PHE D 76 -31.81 -11.11 4.49
N ASP D 77 -32.45 -11.92 3.65
CA ASP D 77 -32.38 -13.37 3.79
C ASP D 77 -31.46 -13.98 2.73
N LEU D 78 -30.49 -14.77 3.18
CA LEU D 78 -29.48 -15.31 2.29
C LEU D 78 -29.86 -16.70 1.80
N ASN D 79 -29.70 -16.93 0.50
CA ASN D 79 -30.27 -18.10 -0.15
C ASN D 79 -29.25 -18.88 -0.98
N ILE D 80 -29.04 -20.14 -0.63
CA ILE D 80 -28.22 -21.03 -1.43
C ILE D 80 -29.07 -22.09 -2.14
N ILE D 81 -28.91 -22.17 -3.46
CA ILE D 81 -29.51 -23.24 -4.23
C ILE D 81 -28.52 -24.38 -4.46
N GLY D 82 -28.86 -25.57 -3.98
CA GLY D 82 -28.06 -26.75 -4.22
C GLY D 82 -26.81 -26.79 -3.37
N ALA D 83 -26.99 -26.91 -2.05
CA ALA D 83 -25.94 -26.57 -1.09
C ALA D 83 -24.89 -27.62 -1.37
N ARG D 84 -23.62 -27.24 -1.38
CA ARG D 84 -22.54 -28.21 -1.45
C ARG D 84 -21.67 -28.15 -0.19
N GLU D 85 -20.76 -29.10 -0.06
CA GLU D 85 -19.62 -28.95 0.84
C GLU D 85 -19.23 -27.48 0.99
N ASP D 86 -18.68 -26.92 -0.07
CA ASP D 86 -17.82 -25.74 0.05
C ASP D 86 -18.64 -24.46 0.19
N ASP D 87 -19.91 -24.63 0.55
CA ASP D 87 -20.72 -23.52 1.06
C ASP D 87 -20.71 -23.50 2.58
N GLY D 88 -20.35 -24.61 3.19
CA GLY D 88 -20.17 -24.69 4.62
C GLY D 88 -18.99 -23.88 5.11
N GLY D 89 -19.12 -23.30 6.30
CA GLY D 89 -18.82 -21.94 6.51
C GLY D 89 -19.53 -21.40 7.66
N GLU D 90 -19.24 -20.11 8.01
CA GLU D 90 -20.05 -19.45 9.04
C GLU D 90 -20.37 -18.19 8.32
N TYR D 91 -21.54 -17.63 8.56
CA TYR D 91 -21.95 -16.39 7.91
C TYR D 91 -22.54 -15.40 8.92
N PHE D 92 -22.09 -14.15 8.85
CA PHE D 92 -22.48 -13.14 9.83
C PHE D 92 -23.24 -12.01 9.17
N CYS D 93 -24.44 -11.72 9.67
CA CYS D 93 -25.11 -10.45 9.40
C CYS D 93 -24.76 -9.41 10.45
N GLY D 94 -24.18 -8.30 10.02
CA GLY D 94 -23.89 -7.19 10.90
C GLY D 94 -23.89 -5.85 10.17
N GLU D 95 -24.03 -4.77 10.93
CA GLU D 95 -24.20 -3.50 10.37
C GLU D 95 -23.13 -2.59 11.01
N VAL D 96 -22.37 -1.91 10.18
CA VAL D 96 -21.44 -0.86 10.63
C VAL D 96 -22.12 0.34 11.27
N GLU D 97 -21.65 0.61 12.48
CA GLU D 97 -22.17 1.72 13.27
C GLU D 97 -21.04 2.53 13.90
N GLY D 98 -20.60 3.57 13.21
CA GLY D 98 -19.47 4.26 13.60
C GLY D 98 -18.40 3.53 12.84
N ILE D 99 -17.52 2.94 13.64
CA ILE D 99 -16.26 2.34 13.38
C ILE D 99 -16.27 0.95 13.99
N ILE D 100 -17.41 0.28 13.90
CA ILE D 100 -17.69 -0.87 14.75
C ILE D 100 -18.93 -1.62 14.27
N ILE D 101 -18.73 -2.54 13.34
CA ILE D 101 -19.68 -3.62 13.12
C ILE D 101 -20.02 -4.34 14.43
N LYS D 102 -21.23 -4.11 14.93
CA LYS D 102 -21.99 -5.15 15.59
C LYS D 102 -22.58 -6.14 14.58
N PHE D 103 -22.58 -7.42 14.93
CA PHE D 103 -23.27 -8.42 14.15
C PHE D 103 -24.55 -8.79 14.82
N THR D 104 -25.69 -8.88 14.09
CA THR D 104 -26.95 -9.21 14.75
C THR D 104 -27.27 -10.61 14.67
N SER D 105 -26.78 -11.34 13.65
CA SER D 105 -27.04 -12.79 13.51
C SER D 105 -25.82 -13.73 13.28
N GLY D 106 -26.07 -15.03 13.01
CA GLY D 106 -25.39 -15.73 11.94
C GLY D 106 -25.59 -17.13 12.00
N THR D 107 -24.93 -17.90 11.15
CA THR D 107 -25.30 -19.32 10.99
C THR D 107 -24.11 -20.04 10.58
N ARG D 108 -23.87 -21.11 11.33
CA ARG D 108 -23.06 -22.22 10.87
C ARG D 108 -23.76 -23.27 9.91
N LEU D 109 -23.28 -23.30 8.72
CA LEU D 109 -23.68 -24.15 7.71
C LEU D 109 -22.82 -25.39 7.75
N GLN D 110 -23.32 -26.59 7.87
CA GLN D 110 -22.42 -27.83 7.90
C GLN D 110 -23.21 -29.02 7.26
N PHE D 111 -22.53 -30.15 6.96
CA PHE D 111 -23.06 -31.24 6.23
C PHE D 111 -23.15 -32.56 6.93
N GLU D 112 -24.13 -33.37 6.55
CA GLU D 112 -24.73 -34.35 7.44
C GLU D 112 -23.70 -35.00 8.36
N GLY D 113 -22.52 -35.30 7.80
CA GLY D 113 -21.43 -35.83 8.66
C GLY D 113 -20.72 -37.08 8.08
N SER D 114 -20.21 -37.95 9.00
CA SER D 114 -20.03 -39.50 8.91
C SER D 114 -21.47 -40.19 8.87
N ASN D 115 -21.60 -41.50 9.22
CA ASN D 115 -22.83 -42.26 8.78
C ASN D 115 -23.21 -41.86 7.32
N GLU D 116 -22.11 -41.66 6.53
CA GLU D 116 -22.02 -41.27 5.05
C GLU D 116 -20.95 -42.13 4.18
N GLY D 117 -21.48 -43.08 3.36
CA GLY D 117 -20.71 -44.13 2.66
C GLY D 117 -20.66 -45.35 3.58
N SER D 118 -21.21 -46.46 3.11
CA SER D 118 -20.97 -47.76 3.73
C SER D 118 -20.65 -48.83 2.69
N LYS D 119 -19.44 -48.75 2.13
CA LYS D 119 -18.88 -49.85 1.37
C LYS D 119 -17.40 -50.05 1.68
N SER D 120 -17.03 -49.83 2.93
CA SER D 120 -15.75 -49.22 3.27
C SER D 120 -15.63 -47.81 2.67
N SER D 121 -16.37 -46.87 3.25
CA SER D 121 -15.86 -46.08 4.35
C SER D 121 -16.46 -46.54 5.68
N ASP D 122 -15.83 -46.15 6.78
CA ASP D 122 -16.15 -46.72 8.13
C ASP D 122 -16.96 -45.78 9.05
N GLY D 123 -16.24 -44.85 9.68
CA GLY D 123 -16.69 -44.25 10.92
C GLY D 123 -16.29 -45.06 12.13
N GLU D 124 -16.83 -46.27 12.24
CA GLU D 124 -16.91 -46.97 13.52
C GLU D 124 -18.27 -46.71 14.19
N GLY D 125 -19.23 -46.23 13.41
CA GLY D 125 -20.60 -45.95 13.94
C GLY D 125 -21.08 -44.57 13.52
N SER D 126 -21.75 -43.87 14.44
CA SER D 126 -21.83 -42.39 14.50
C SER D 126 -21.08 -41.88 15.76
N SER D 127 -20.66 -40.60 15.79
CA SER D 127 -19.45 -40.03 16.54
C SER D 127 -18.49 -40.99 17.39
N CYS D 128 -17.27 -41.13 16.85
CA CYS D 128 -16.41 -42.34 16.93
C CYS D 128 -17.09 -43.48 16.15
N ILE E 3 -5.73 28.41 -14.58
CA ILE E 3 -5.55 28.58 -13.08
C ILE E 3 -5.74 30.05 -12.67
N LYS E 4 -6.49 30.35 -11.59
CA LYS E 4 -6.59 31.76 -11.06
C LYS E 4 -5.46 32.50 -10.24
N GLU E 5 -5.16 33.70 -10.71
CA GLU E 5 -4.05 34.48 -10.18
C GLU E 5 -4.54 35.48 -9.14
N LEU E 6 -3.99 35.39 -7.93
CA LEU E 6 -4.27 36.33 -6.92
C LEU E 6 -4.45 37.81 -7.40
N HIS E 7 -5.55 38.40 -7.02
CA HIS E 7 -5.61 39.87 -6.93
C HIS E 7 -4.56 40.42 -5.93
N VAL E 8 -3.99 41.52 -6.40
CA VAL E 8 -3.01 42.31 -5.60
C VAL E 8 -3.53 43.67 -5.01
N LYS E 9 -3.19 43.81 -3.71
CA LYS E 9 -3.68 44.86 -2.88
C LYS E 9 -2.51 45.28 -1.96
N THR E 10 -2.24 46.58 -2.11
CA THR E 10 -1.16 47.25 -1.39
C THR E 10 -1.70 48.07 -0.20
N VAL E 11 -1.13 47.79 0.99
CA VAL E 11 -1.70 48.38 2.20
C VAL E 11 -0.65 49.05 3.09
N LYS E 12 -0.97 50.29 3.52
CA LYS E 12 -0.18 50.88 4.61
C LYS E 12 -0.75 50.63 6.07
N ARG E 13 0.13 50.75 7.07
CA ARG E 13 -0.30 50.68 8.45
C ARG E 13 -1.75 51.17 8.59
N GLY E 14 -2.54 50.48 9.42
CA GLY E 14 -3.80 51.04 9.90
C GLY E 14 -4.70 51.59 8.83
N GLU E 15 -4.28 51.33 7.60
CA GLU E 15 -5.25 51.33 6.43
C GLU E 15 -6.31 50.17 6.55
N ASN E 16 -7.43 50.46 5.89
CA ASN E 16 -8.46 49.47 5.60
C ASN E 16 -8.41 48.73 4.24
N VAL E 17 -8.54 47.41 4.31
CA VAL E 17 -8.75 46.59 3.11
C VAL E 17 -10.10 45.85 3.06
N THR E 18 -10.62 45.64 1.85
CA THR E 18 -11.45 44.49 1.54
C THR E 18 -10.81 43.48 0.58
N MET E 19 -10.92 42.25 1.01
CA MET E 19 -10.55 41.11 0.10
C MET E 19 -11.75 40.30 -0.38
N GLU E 20 -12.02 40.52 -1.65
CA GLU E 20 -13.15 39.91 -2.37
C GLU E 20 -13.15 38.36 -2.75
N CYS E 21 -14.33 37.94 -3.21
CA CYS E 21 -14.83 36.53 -3.14
C CYS E 21 -16.33 36.61 -3.27
N SER E 22 -16.83 35.53 -3.82
CA SER E 22 -18.00 35.70 -4.61
C SER E 22 -19.11 34.68 -4.40
N MET E 23 -20.33 35.10 -4.08
CA MET E 23 -21.31 34.07 -3.89
C MET E 23 -21.54 33.30 -5.17
N SER E 24 -22.09 33.96 -6.21
CA SER E 24 -21.86 33.61 -7.64
C SER E 24 -21.33 32.19 -7.89
N LYS E 25 -22.17 31.34 -8.43
CA LYS E 25 -21.62 30.05 -8.75
C LYS E 25 -21.23 29.25 -7.45
N VAL E 26 -21.49 29.77 -6.24
CA VAL E 26 -21.36 28.93 -5.03
C VAL E 26 -22.42 27.84 -4.89
N THR E 27 -22.00 26.59 -5.17
CA THR E 27 -22.91 25.47 -4.92
C THR E 27 -23.36 25.33 -3.47
N ASN E 28 -22.48 25.10 -2.50
CA ASN E 28 -22.88 25.10 -1.10
C ASN E 28 -22.08 26.10 -0.27
N LYS E 29 -22.75 27.17 0.16
CA LYS E 29 -22.66 27.61 1.54
C LYS E 29 -22.90 26.47 2.51
N ASN E 30 -22.91 26.78 3.80
CA ASN E 30 -21.80 26.43 4.68
C ASN E 30 -20.46 26.50 3.97
N ASN E 31 -20.32 25.75 2.88
CA ASN E 31 -19.09 25.08 2.57
C ASN E 31 -17.91 25.85 2.14
N LEU E 32 -17.92 27.18 2.25
CA LEU E 32 -16.75 27.98 1.88
C LEU E 32 -16.06 28.55 3.12
N ALA E 33 -15.09 29.43 2.90
CA ALA E 33 -14.11 29.77 3.92
C ALA E 33 -13.30 31.00 3.54
N TRP E 34 -12.25 31.29 4.30
CA TRP E 34 -11.06 31.83 3.76
C TRP E 34 -10.00 31.07 4.48
N TYR E 35 -8.95 30.75 3.75
CA TYR E 35 -7.73 30.45 4.50
C TYR E 35 -6.89 31.73 4.42
N ARG E 36 -6.09 31.99 5.46
CA ARG E 36 -5.01 32.96 5.36
C ARG E 36 -3.63 32.31 5.51
N GLN E 37 -2.77 32.52 4.51
CA GLN E 37 -1.30 32.27 4.63
C GLN E 37 -0.43 33.57 4.74
N SER E 38 0.32 33.65 5.83
CA SER E 38 1.43 34.58 5.93
C SER E 38 2.68 34.03 5.27
N PHE E 39 3.57 34.93 4.84
CA PHE E 39 4.79 34.54 4.14
C PHE E 39 5.62 33.57 4.99
N GLY E 40 6.11 32.51 4.35
CA GLY E 40 7.08 31.63 4.98
C GLY E 40 6.44 30.58 5.86
N LYS E 41 5.11 30.52 5.82
CA LYS E 41 4.33 29.72 6.81
C LYS E 41 3.27 29.01 6.03
N VAL E 42 2.81 27.87 6.52
CA VAL E 42 1.78 27.11 5.79
C VAL E 42 0.34 27.51 6.16
N PRO E 43 -0.56 27.55 5.17
CA PRO E 43 -1.88 28.37 5.33
C PRO E 43 -2.66 27.85 6.59
N GLN E 44 -3.56 28.65 7.13
CA GLN E 44 -4.45 28.22 8.21
C GLN E 44 -5.90 28.46 7.85
N TYR E 45 -6.78 27.60 8.34
CA TYR E 45 -8.22 27.81 8.23
C TYR E 45 -8.64 29.07 8.99
N PHE E 46 -9.41 29.92 8.31
CA PHE E 46 -9.70 31.26 8.81
C PHE E 46 -11.13 31.37 9.33
N VAL E 47 -12.08 31.39 8.39
CA VAL E 47 -13.39 31.93 8.67
C VAL E 47 -14.39 31.20 7.88
N ARG E 48 -15.33 30.53 8.55
CA ARG E 48 -16.47 29.94 7.87
C ARG E 48 -17.36 31.01 7.22
N TYR E 49 -18.23 30.59 6.31
CA TYR E 49 -19.63 31.09 6.27
C TYR E 49 -20.44 30.32 7.35
N TYR E 50 -21.33 31.09 7.92
CA TYR E 50 -22.12 30.52 8.97
C TYR E 50 -23.53 31.09 8.97
N SER E 51 -24.50 30.18 8.84
CA SER E 51 -25.86 30.62 8.66
C SER E 51 -26.16 31.47 9.90
N SER E 52 -26.21 32.78 9.75
CA SER E 52 -26.63 33.61 10.85
C SER E 52 -26.74 35.12 10.51
N ASN E 53 -27.08 35.87 11.55
CA ASN E 53 -27.29 37.30 11.37
C ASN E 53 -26.02 37.84 10.70
N SER E 54 -24.91 37.78 11.48
CA SER E 54 -23.55 38.15 11.02
C SER E 54 -23.25 37.52 9.64
N GLY E 55 -23.38 36.21 9.49
CA GLY E 55 -22.94 35.53 8.29
C GLY E 55 -21.94 34.43 8.58
N TYR E 56 -21.01 34.70 9.50
CA TYR E 56 -19.68 34.10 9.45
C TYR E 56 -19.18 33.78 10.85
N LYS E 57 -18.05 33.08 10.92
CA LYS E 57 -17.44 32.73 12.20
C LYS E 57 -15.96 32.41 12.02
N PHE E 58 -15.10 33.37 12.36
CA PHE E 58 -13.67 33.14 12.37
C PHE E 58 -13.29 31.97 13.28
N ALA E 59 -12.10 31.41 13.07
CA ALA E 59 -11.79 30.13 13.59
C ALA E 59 -11.34 30.43 14.98
N GLU E 60 -11.43 29.38 15.79
CA GLU E 60 -11.31 29.51 17.20
C GLU E 60 -10.04 30.19 17.54
N GLY E 61 -8.89 29.61 17.31
CA GLY E 61 -7.74 30.24 18.02
C GLY E 61 -7.42 31.68 17.58
N PHE E 62 -8.09 32.17 16.56
CA PHE E 62 -7.72 33.45 16.17
C PHE E 62 -8.50 34.44 16.95
N LYS E 63 -7.81 35.45 17.51
CA LYS E 63 -8.38 36.46 18.44
C LYS E 63 -8.24 37.92 17.92
N ASP E 64 -9.36 38.55 17.45
CA ASP E 64 -9.26 39.89 16.87
C ASP E 64 -10.54 40.39 16.34
N SER E 65 -10.94 41.52 16.88
CA SER E 65 -12.03 42.29 16.31
C SER E 65 -11.83 43.07 15.07
N ARG E 66 -10.63 43.15 14.50
CA ARG E 66 -10.37 44.02 13.37
C ARG E 66 -10.77 43.35 12.05
N PHE E 67 -10.77 42.03 12.04
CA PHE E 67 -11.35 41.27 10.94
C PHE E 67 -12.86 41.17 11.06
N SER E 68 -13.57 41.84 10.16
CA SER E 68 -14.96 41.50 9.87
C SER E 68 -15.09 40.81 8.52
N MET E 69 -16.32 40.79 7.99
CA MET E 69 -16.59 40.11 6.69
C MET E 69 -17.92 40.57 6.15
N THR E 70 -18.09 40.89 4.89
CA THR E 70 -19.36 41.35 4.26
C THR E 70 -19.97 40.23 3.34
N VAL E 71 -21.02 39.67 3.93
CA VAL E 71 -21.68 38.42 3.53
C VAL E 71 -23.13 38.67 3.08
N ASN E 72 -23.36 38.39 1.78
CA ASN E 72 -24.62 38.55 1.16
C ASN E 72 -24.86 37.70 -0.17
N ASP E 73 -25.83 38.10 -1.03
CA ASP E 73 -26.12 37.20 -2.13
C ASP E 73 -25.14 37.31 -3.28
N GLN E 74 -24.46 38.44 -3.37
CA GLN E 74 -23.12 38.49 -3.94
C GLN E 74 -22.09 37.89 -2.98
N LYS E 75 -21.63 38.71 -2.04
CA LYS E 75 -20.22 38.75 -1.70
C LYS E 75 -19.91 37.90 -0.48
N PHE E 76 -18.66 37.45 -0.37
CA PHE E 76 -18.20 36.78 0.83
C PHE E 76 -16.86 37.41 1.16
N ASP E 77 -16.90 38.77 1.15
CA ASP E 77 -15.63 39.61 1.15
C ASP E 77 -15.05 39.62 2.54
N LEU E 78 -13.74 39.46 2.67
CA LEU E 78 -13.08 39.61 3.97
C LEU E 78 -12.62 41.04 4.19
N ASN E 79 -12.59 41.46 5.46
CA ASN E 79 -12.35 42.85 5.80
C ASN E 79 -11.31 43.00 6.90
N ILE E 80 -10.49 44.04 6.80
CA ILE E 80 -9.59 44.42 7.88
C ILE E 80 -9.68 45.91 8.18
N ILE E 81 -10.01 46.24 9.42
CA ILE E 81 -9.93 47.62 9.89
C ILE E 81 -8.71 47.83 10.79
N GLY E 82 -7.90 48.83 10.45
CA GLY E 82 -6.60 49.00 11.08
C GLY E 82 -5.62 47.93 10.68
N ALA E 83 -5.13 48.02 9.45
CA ALA E 83 -4.24 47.05 8.93
C ALA E 83 -2.96 47.08 9.71
N ARG E 84 -2.56 45.94 10.27
CA ARG E 84 -1.26 45.82 10.92
C ARG E 84 -0.43 44.71 10.28
N GLU E 85 0.88 44.77 10.49
CA GLU E 85 1.84 44.44 9.44
C GLU E 85 1.95 42.94 9.24
N ASP E 86 1.76 42.18 10.32
CA ASP E 86 1.64 40.73 10.23
C ASP E 86 0.20 40.31 9.95
N ASP E 87 -0.54 41.19 9.28
CA ASP E 87 -1.69 40.77 8.48
C ASP E 87 -1.27 40.35 7.08
N GLY E 88 -0.28 41.05 6.53
CA GLY E 88 0.07 40.92 5.13
C GLY E 88 0.58 39.52 4.79
N GLY E 89 0.33 39.08 3.56
CA GLY E 89 0.19 37.67 3.27
C GLY E 89 -0.77 37.41 2.12
N GLU E 90 -0.98 36.13 1.81
CA GLU E 90 -1.99 35.74 0.84
C GLU E 90 -3.23 35.19 1.54
N TYR E 91 -4.40 35.61 1.08
CA TYR E 91 -5.65 35.00 1.50
C TYR E 91 -6.38 34.35 0.33
N PHE E 92 -6.89 33.14 0.56
CA PHE E 92 -7.62 32.41 -0.47
C PHE E 92 -9.06 32.09 -0.04
N CYS E 93 -9.97 32.17 -1.00
CA CYS E 93 -11.35 31.75 -0.82
C CYS E 93 -11.85 30.52 -1.66
N GLY E 94 -12.00 29.36 -1.02
CA GLY E 94 -12.34 28.08 -1.66
C GLY E 94 -13.78 27.59 -1.27
N GLU E 95 -14.22 26.49 -1.85
CA GLU E 95 -15.37 25.75 -1.33
C GLU E 95 -15.06 24.26 -1.23
N VAL E 96 -15.22 23.70 -0.04
CA VAL E 96 -15.08 22.27 0.16
C VAL E 96 -16.17 21.49 -0.57
N GLU E 97 -15.79 20.38 -1.19
CA GLU E 97 -16.76 19.45 -1.75
C GLU E 97 -16.20 18.03 -1.78
N GLY E 98 -16.42 17.28 -0.71
CA GLY E 98 -15.77 16.01 -0.52
C GLY E 98 -14.84 16.29 0.66
N ILE E 99 -13.58 16.09 0.43
CA ILE E 99 -12.58 16.50 1.31
C ILE E 99 -11.72 17.47 0.53
N ILE E 100 -12.16 17.89 -0.69
CA ILE E 100 -11.17 18.50 -1.67
C ILE E 100 -11.52 19.94 -1.68
N ILE E 101 -10.60 20.80 -1.24
CA ILE E 101 -11.05 22.20 -1.26
C ILE E 101 -10.75 22.88 -2.55
N LYS E 102 -11.73 23.48 -3.24
CA LYS E 102 -11.45 24.19 -4.53
C LYS E 102 -11.53 25.72 -4.40
N PHE E 103 -10.37 26.40 -4.21
CA PHE E 103 -10.30 27.86 -4.05
C PHE E 103 -10.59 28.70 -5.23
N THR E 104 -11.31 29.76 -5.12
CA THR E 104 -11.67 30.41 -6.39
C THR E 104 -11.46 31.96 -6.52
N SER E 105 -11.01 32.62 -5.42
CA SER E 105 -10.12 33.81 -5.52
C SER E 105 -9.14 33.91 -4.36
N GLY E 106 -8.21 34.79 -4.47
CA GLY E 106 -7.20 34.93 -3.42
C GLY E 106 -6.70 36.32 -3.61
N THR E 107 -6.06 36.79 -2.57
CA THR E 107 -5.47 38.12 -2.58
C THR E 107 -4.14 38.11 -1.93
N ARG E 108 -3.34 38.86 -2.65
CA ARG E 108 -2.12 39.20 -2.02
C ARG E 108 -2.20 40.56 -1.37
N LEU E 109 -2.10 40.55 -0.07
CA LEU E 109 -2.09 41.81 0.56
C LEU E 109 -0.67 42.16 1.02
N GLN E 110 -0.05 43.14 0.37
CA GLN E 110 1.23 43.67 0.83
C GLN E 110 1.10 45.15 1.18
N PHE E 111 2.23 45.75 1.57
CA PHE E 111 2.27 46.62 2.74
C PHE E 111 3.15 47.85 2.49
N GLU E 112 3.56 48.50 3.57
CA GLU E 112 4.41 49.68 3.47
C GLU E 112 5.18 49.70 2.15
N GLY E 113 6.33 49.03 2.15
CA GLY E 113 7.37 49.26 1.07
C GLY E 113 8.81 48.84 1.52
N SER E 114 9.81 49.73 1.31
CA SER E 114 11.27 49.47 1.68
C SER E 114 12.27 50.73 1.91
N ASN E 115 11.66 51.94 2.04
CA ASN E 115 12.26 53.34 2.27
C ASN E 115 11.19 54.47 2.66
N GLU E 116 10.81 54.53 3.94
CA GLU E 116 9.96 55.64 4.44
C GLU E 116 10.76 56.79 5.14
N GLY E 117 12.11 56.69 5.04
CA GLY E 117 13.16 57.50 5.76
C GLY E 117 13.16 59.00 5.60
N SER E 118 13.94 59.55 4.65
CA SER E 118 14.95 58.80 3.82
C SER E 118 16.45 59.00 4.29
N LYS E 119 16.59 58.97 5.62
CA LYS E 119 17.85 58.62 6.33
C LYS E 119 17.61 58.12 7.83
N SER E 120 16.38 57.57 8.04
CA SER E 120 16.01 56.58 9.14
C SER E 120 15.87 55.13 8.59
N SER E 121 15.93 55.05 7.25
CA SER E 121 16.54 53.93 6.52
C SER E 121 17.31 54.47 5.24
N ASP E 122 18.47 53.82 4.93
CA ASP E 122 19.27 53.94 3.66
C ASP E 122 18.37 54.17 2.40
N GLY E 123 17.47 53.19 2.17
CA GLY E 123 16.46 53.27 1.16
C GLY E 123 17.00 53.10 -0.25
N GLU E 124 18.32 53.40 -0.43
CA GLU E 124 19.16 53.39 -1.72
C GLU E 124 18.52 53.95 -3.04
N GLY E 125 17.31 54.50 -2.89
CA GLY E 125 16.28 54.56 -3.93
C GLY E 125 15.78 53.16 -4.36
N SER E 126 15.45 52.26 -3.41
CA SER E 126 15.31 50.75 -3.63
C SER E 126 14.85 50.23 -5.03
N SER E 127 13.67 49.59 -5.14
CA SER E 127 13.16 48.90 -6.38
C SER E 127 13.61 49.32 -7.86
N CYS E 128 14.72 48.76 -8.40
CA CYS E 128 15.20 49.04 -9.83
C CYS E 128 16.32 48.15 -10.49
N ILE F 3 3.02 28.99 14.79
CA ILE F 3 2.58 28.52 13.43
C ILE F 3 3.77 27.97 12.56
N LYS F 4 3.60 26.77 11.85
CA LYS F 4 4.64 26.13 10.87
C LYS F 4 5.10 26.87 9.67
N GLU F 5 6.40 26.79 9.45
CA GLU F 5 7.09 27.75 8.61
C GLU F 5 7.81 27.08 7.44
N LEU F 6 7.27 27.24 6.23
CA LEU F 6 7.69 26.45 5.15
C LEU F 6 9.19 26.13 5.32
N HIS F 7 9.58 24.85 5.33
CA HIS F 7 11.00 24.53 4.93
C HIS F 7 11.40 25.25 3.56
N VAL F 8 12.64 25.79 3.53
CA VAL F 8 13.17 26.39 2.24
C VAL F 8 14.07 25.48 1.31
N LYS F 9 13.73 25.46 0.00
CA LYS F 9 14.42 24.61 -0.99
C LYS F 9 14.73 25.28 -2.31
N THR F 10 16.04 25.37 -2.58
CA THR F 10 16.47 25.93 -3.89
C THR F 10 16.86 24.89 -4.97
N VAL F 11 16.36 25.12 -6.20
CA VAL F 11 16.46 24.11 -7.28
C VAL F 11 16.90 24.67 -8.66
N LYS F 12 17.86 24.00 -9.33
CA LYS F 12 18.15 24.36 -10.78
C LYS F 12 17.30 23.57 -11.84
N ARG F 13 17.18 24.16 -13.03
CA ARG F 13 16.54 23.47 -14.14
C ARG F 13 17.01 22.03 -14.26
N GLY F 14 16.07 21.09 -14.19
CA GLY F 14 16.39 19.70 -14.35
C GLY F 14 17.07 19.01 -13.21
N GLU F 15 17.14 19.71 -12.07
CA GLU F 15 17.42 19.00 -10.74
C GLU F 15 16.23 18.22 -10.13
N ASN F 16 16.57 17.35 -9.24
CA ASN F 16 15.54 16.66 -8.51
C ASN F 16 15.17 17.22 -7.11
N VAL F 17 13.89 17.52 -6.93
CA VAL F 17 13.39 18.01 -5.66
C VAL F 17 12.64 16.92 -4.90
N THR F 18 12.93 16.81 -3.60
CA THR F 18 12.08 16.06 -2.69
C THR F 18 11.45 16.97 -1.63
N MET F 19 10.15 16.80 -1.41
CA MET F 19 9.40 17.67 -0.45
C MET F 19 8.71 16.92 0.61
N GLU F 20 9.48 16.65 1.66
CA GLU F 20 9.06 16.02 2.90
C GLU F 20 7.74 16.45 3.61
N CYS F 21 7.32 15.56 4.49
CA CYS F 21 5.90 15.38 4.96
C CYS F 21 5.74 13.98 5.51
N SER F 22 4.77 13.85 6.41
CA SER F 22 5.06 12.83 7.35
C SER F 22 3.94 12.03 7.98
N MET F 23 3.95 10.73 7.85
CA MET F 23 2.86 9.96 8.39
C MET F 23 2.58 10.26 9.87
N SER F 24 3.49 9.95 10.80
CA SER F 24 3.56 10.69 12.09
C SER F 24 2.27 11.40 12.55
N LYS F 25 1.64 10.88 13.56
CA LYS F 25 0.48 11.66 13.92
C LYS F 25 -0.59 11.83 12.71
N VAL F 26 -0.46 11.19 11.54
CA VAL F 26 -1.71 11.16 10.73
C VAL F 26 -2.80 10.28 11.38
N THR F 27 -3.91 10.89 11.83
CA THR F 27 -5.07 10.12 12.30
C THR F 27 -5.67 9.19 11.24
N ASN F 28 -6.31 9.82 10.16
CA ASN F 28 -6.83 9.10 8.91
C ASN F 28 -6.27 9.42 7.54
N LYS F 29 -5.45 8.53 7.07
CA LYS F 29 -4.82 8.75 5.81
C LYS F 29 -5.53 8.97 4.50
N ASN F 30 -6.76 8.57 4.34
CA ASN F 30 -7.37 8.71 3.08
C ASN F 30 -7.55 10.19 3.11
N ASN F 31 -6.90 10.85 4.03
CA ASN F 31 -7.40 12.20 4.11
C ASN F 31 -6.34 13.13 3.93
N LEU F 32 -5.12 12.59 3.78
CA LEU F 32 -3.87 13.23 3.41
C LEU F 32 -3.88 13.62 1.97
N ALA F 33 -3.22 14.77 1.77
CA ALA F 33 -3.20 15.52 0.49
C ALA F 33 -1.95 16.54 0.24
N TRP F 34 -1.55 16.82 -1.06
CA TRP F 34 -0.80 17.99 -1.34
C TRP F 34 -1.55 19.00 -2.12
N TYR F 35 -1.43 20.29 -1.66
CA TYR F 35 -1.65 21.39 -2.57
C TYR F 35 -0.33 21.99 -3.15
N ARG F 36 -0.36 22.36 -4.45
CA ARG F 36 0.61 23.24 -5.07
C ARG F 36 -0.01 24.56 -5.11
N GLN F 37 0.69 25.55 -4.56
CA GLN F 37 0.49 26.94 -4.94
C GLN F 37 1.67 27.49 -5.73
N SER F 38 1.43 27.77 -7.01
CA SER F 38 2.39 28.42 -7.89
C SER F 38 2.31 29.94 -7.76
N PHE F 39 3.46 30.60 -7.88
CA PHE F 39 3.54 32.03 -7.64
C PHE F 39 2.22 32.73 -7.99
N GLY F 40 1.76 33.57 -7.07
CA GLY F 40 0.79 34.68 -7.43
C GLY F 40 -0.55 34.16 -7.98
N LYS F 41 -0.84 32.92 -7.61
CA LYS F 41 -2.13 32.31 -7.92
C LYS F 41 -2.71 31.59 -6.71
N VAL F 42 -4.03 31.43 -6.70
CA VAL F 42 -4.68 30.55 -5.73
C VAL F 42 -4.12 29.14 -5.81
N PRO F 43 -4.17 28.43 -4.67
CA PRO F 43 -3.49 27.02 -4.56
C PRO F 43 -4.42 25.96 -5.19
N GLN F 44 -3.86 24.81 -5.54
CA GLN F 44 -4.60 23.76 -6.22
C GLN F 44 -4.47 22.42 -5.50
N TYR F 45 -5.57 21.67 -5.47
CA TYR F 45 -5.52 20.27 -5.07
C TYR F 45 -4.61 19.47 -6.00
N PHE F 46 -3.67 18.74 -5.41
CA PHE F 46 -2.55 18.18 -6.17
C PHE F 46 -2.70 16.67 -6.31
N VAL F 47 -2.83 15.99 -5.18
CA VAL F 47 -2.48 14.57 -5.10
C VAL F 47 -2.80 14.00 -3.73
N ARG F 48 -3.70 13.01 -3.69
CA ARG F 48 -4.08 12.36 -2.42
C ARG F 48 -3.28 11.10 -2.10
N TYR F 49 -3.46 10.59 -0.89
CA TYR F 49 -2.92 9.29 -0.51
C TYR F 49 -3.91 8.35 -1.08
N TYR F 50 -3.41 7.25 -1.57
CA TYR F 50 -4.37 6.30 -2.09
C TYR F 50 -4.14 4.91 -1.67
N SER F 51 -5.13 4.32 -1.00
CA SER F 51 -4.88 2.94 -0.63
C SER F 51 -4.60 2.13 -1.90
N SER F 52 -3.34 1.72 -2.05
CA SER F 52 -2.86 0.87 -3.12
C SER F 52 -1.27 0.81 -3.31
N ASN F 53 -0.86 0.20 -4.40
CA ASN F 53 0.50 -0.27 -4.54
C ASN F 53 1.41 0.97 -4.53
N SER F 54 1.13 1.91 -5.48
CA SER F 54 1.90 3.18 -5.63
C SER F 54 1.85 3.88 -4.31
N GLY F 55 0.64 3.89 -3.66
CA GLY F 55 0.34 4.62 -2.45
C GLY F 55 -0.28 5.97 -2.66
N TYR F 56 -0.17 6.53 -3.86
CA TYR F 56 -0.70 7.86 -4.13
C TYR F 56 -1.48 7.89 -5.44
N LYS F 57 -2.14 9.01 -5.70
CA LYS F 57 -2.72 9.28 -7.01
C LYS F 57 -3.06 10.76 -7.17
N PHE F 58 -2.54 11.38 -8.23
CA PHE F 58 -2.60 12.82 -8.38
C PHE F 58 -3.99 13.25 -8.85
N ALA F 59 -4.17 14.57 -8.99
CA ALA F 59 -5.44 15.12 -9.44
C ALA F 59 -5.52 14.91 -10.90
N GLU F 60 -6.77 14.82 -11.37
CA GLU F 60 -7.05 14.47 -12.74
C GLU F 60 -6.49 15.55 -13.62
N GLY F 61 -7.07 16.74 -13.53
CA GLY F 61 -6.44 17.94 -14.04
C GLY F 61 -5.11 17.66 -14.71
N PHE F 62 -4.16 17.14 -13.93
CA PHE F 62 -2.76 17.42 -14.16
C PHE F 62 -2.06 16.25 -14.86
N LYS F 63 -0.97 16.55 -15.57
CA LYS F 63 -0.63 15.82 -16.78
C LYS F 63 0.88 15.61 -16.88
N ASP F 64 1.41 14.70 -16.06
CA ASP F 64 2.83 14.63 -15.81
C ASP F 64 3.28 13.19 -15.57
N SER F 65 4.58 13.00 -15.34
CA SER F 65 5.07 11.85 -14.60
C SER F 65 6.40 12.15 -13.94
N ARG F 66 6.85 13.39 -14.07
CA ARG F 66 8.01 13.87 -13.31
C ARG F 66 7.72 13.91 -11.82
N PHE F 67 6.43 13.90 -11.47
CA PHE F 67 6.03 13.82 -10.07
C PHE F 67 5.73 12.38 -9.66
N SER F 68 6.49 11.88 -8.69
CA SER F 68 6.08 10.70 -7.94
C SER F 68 5.91 11.04 -6.46
N MET F 69 5.77 9.99 -5.64
CA MET F 69 5.71 10.17 -4.13
C MET F 69 6.36 9.03 -3.39
N THR F 70 7.04 9.25 -2.29
CA THR F 70 7.62 8.16 -1.57
C THR F 70 6.72 8.17 -0.39
N VAL F 71 5.76 7.25 -0.54
CA VAL F 71 4.66 7.00 0.39
C VAL F 71 4.86 5.70 1.14
N ASN F 72 5.28 5.79 2.42
CA ASN F 72 5.39 4.69 3.37
C ASN F 72 5.05 5.07 4.96
N ASP F 73 5.60 4.29 5.94
CA ASP F 73 5.00 4.42 7.26
C ASP F 73 5.33 5.71 7.92
N GLN F 74 6.51 6.22 7.53
CA GLN F 74 6.98 7.53 7.93
C GLN F 74 6.57 8.72 6.95
N LYS F 75 6.63 8.48 5.64
CA LYS F 75 6.85 9.63 4.75
C LYS F 75 5.70 9.85 3.82
N PHE F 76 5.34 11.08 3.52
CA PHE F 76 4.38 11.29 2.43
C PHE F 76 4.89 12.36 1.46
N ASP F 77 6.15 12.07 1.03
CA ASP F 77 7.12 13.08 0.42
C ASP F 77 6.83 13.13 -1.08
N LEU F 78 6.67 14.34 -1.61
CA LEU F 78 6.33 14.53 -3.01
C LEU F 78 7.57 14.87 -3.84
N ASN F 79 7.83 14.06 -4.85
CA ASN F 79 9.02 14.15 -5.64
C ASN F 79 8.88 14.71 -7.04
N ILE F 80 9.93 15.52 -7.38
CA ILE F 80 10.32 15.90 -8.80
C ILE F 80 11.76 15.57 -9.28
N ILE F 81 11.75 14.82 -10.37
CA ILE F 81 12.91 14.57 -11.19
C ILE F 81 12.87 15.45 -12.44
N GLY F 82 13.95 16.18 -12.63
CA GLY F 82 14.13 17.21 -13.71
C GLY F 82 13.14 18.30 -13.64
N ALA F 83 13.47 19.10 -12.71
CA ALA F 83 12.74 20.21 -12.22
C ALA F 83 12.63 21.20 -13.32
N ARG F 84 11.41 21.61 -13.65
CA ARG F 84 11.19 22.70 -14.59
C ARG F 84 10.32 23.80 -13.98
N GLU F 85 10.33 24.96 -14.61
CA GLU F 85 10.54 26.22 -13.90
C GLU F 85 9.24 26.76 -13.32
N ASP F 86 8.14 26.49 -14.01
CA ASP F 86 6.82 26.92 -13.54
C ASP F 86 6.25 25.96 -12.52
N ASP F 87 7.13 25.27 -11.79
CA ASP F 87 6.77 24.68 -10.51
C ASP F 87 7.22 25.56 -9.35
N GLY F 88 8.52 25.85 -9.30
CA GLY F 88 9.03 26.91 -8.44
C GLY F 88 7.93 27.69 -7.76
N GLY F 89 7.54 27.22 -6.58
CA GLY F 89 6.20 27.60 -5.98
C GLY F 89 6.14 27.16 -4.54
N GLU F 90 4.93 27.33 -3.95
CA GLU F 90 4.77 26.73 -2.57
C GLU F 90 3.87 25.53 -2.55
N TYR F 91 4.31 24.57 -1.72
CA TYR F 91 3.72 23.22 -1.68
C TYR F 91 3.36 22.79 -0.24
N PHE F 92 2.06 22.70 0.00
CA PHE F 92 1.48 22.46 1.33
C PHE F 92 0.92 21.05 1.59
N CYS F 93 1.38 20.39 2.61
CA CYS F 93 0.79 19.07 2.97
C CYS F 93 -0.20 18.99 4.21
N GLY F 94 -1.52 18.98 3.98
CA GLY F 94 -2.56 18.83 5.00
C GLY F 94 -3.29 17.45 5.27
N GLU F 95 -3.92 17.29 6.48
CA GLU F 95 -4.87 16.19 6.73
C GLU F 95 -6.22 16.92 6.68
N VAL F 96 -7.18 16.39 5.90
CA VAL F 96 -8.58 16.89 6.11
C VAL F 96 -9.21 16.25 7.40
N GLU F 97 -10.03 17.08 8.06
CA GLU F 97 -10.90 16.62 9.00
C GLU F 97 -12.15 17.44 8.91
N GLY F 98 -13.30 16.80 8.71
CA GLY F 98 -14.49 17.60 8.70
C GLY F 98 -14.57 18.14 7.29
N ILE F 99 -14.78 19.45 7.16
CA ILE F 99 -14.68 20.15 5.91
C ILE F 99 -13.37 20.90 5.90
N ILE F 100 -12.61 20.91 7.03
CA ILE F 100 -11.50 21.91 7.34
C ILE F 100 -10.15 21.17 7.15
N ILE F 101 -9.27 21.73 6.30
CA ILE F 101 -7.99 21.11 6.07
C ILE F 101 -6.95 21.71 6.95
N LYS F 102 -6.21 20.90 7.71
CA LYS F 102 -5.22 21.34 8.70
C LYS F 102 -3.83 20.88 8.20
N PHE F 103 -3.22 21.72 7.34
CA PHE F 103 -1.91 21.49 6.72
C PHE F 103 -0.71 21.39 7.62
N THR F 104 0.13 20.40 7.54
CA THR F 104 1.14 20.27 8.55
C THR F 104 2.68 20.41 8.11
N SER F 105 3.05 20.30 6.79
CA SER F 105 4.20 21.07 6.30
C SER F 105 4.14 21.67 4.90
N GLY F 106 5.28 22.19 4.53
CA GLY F 106 5.32 23.01 3.36
C GLY F 106 6.71 23.26 2.90
N THR F 107 6.87 23.47 1.60
CA THR F 107 8.07 24.08 1.04
C THR F 107 7.72 25.19 0.06
N ARG F 108 8.46 26.29 0.15
CA ARG F 108 8.82 27.07 -1.04
C ARG F 108 9.95 26.39 -1.81
N LEU F 109 9.62 25.86 -2.98
CA LEU F 109 10.60 25.37 -3.88
C LEU F 109 10.90 26.47 -4.91
N GLN F 110 12.07 27.13 -4.76
CA GLN F 110 12.51 28.10 -5.74
C GLN F 110 13.80 27.84 -6.43
N PHE F 111 13.81 28.59 -7.56
CA PHE F 111 14.70 28.47 -8.73
C PHE F 111 15.90 29.35 -9.01
N GLU F 112 16.03 29.59 -10.33
CA GLU F 112 17.28 29.61 -11.08
C GLU F 112 18.43 29.82 -10.03
N GLY F 113 18.86 31.10 -9.86
CA GLY F 113 18.51 32.22 -10.78
C GLY F 113 18.39 33.72 -10.37
N SER F 114 19.17 34.60 -11.03
CA SER F 114 18.94 36.11 -11.30
C SER F 114 19.91 36.91 -12.38
N ASN F 115 20.97 36.27 -12.85
CA ASN F 115 21.30 36.28 -14.29
C ASN F 115 21.27 34.92 -15.02
N GLU F 116 22.17 34.04 -14.60
CA GLU F 116 22.68 32.85 -15.39
C GLU F 116 24.02 33.12 -16.21
N GLY F 117 24.13 32.65 -17.47
CA GLY F 117 25.35 32.70 -18.33
C GLY F 117 25.92 33.93 -19.09
N SER F 118 26.75 34.72 -18.38
CA SER F 118 27.83 35.67 -18.86
C SER F 118 27.52 36.79 -19.90
N LYS F 119 26.67 37.71 -19.44
CA LYS F 119 26.19 38.86 -20.23
C LYS F 119 24.73 38.55 -20.76
N SER F 120 23.80 38.30 -19.81
CA SER F 120 22.33 38.18 -20.09
C SER F 120 21.29 39.04 -19.25
N SER F 121 21.76 39.74 -18.18
CA SER F 121 21.01 40.89 -17.50
C SER F 121 21.84 42.25 -17.35
N ASP F 122 21.21 43.43 -17.15
CA ASP F 122 21.98 44.74 -17.25
C ASP F 122 23.17 44.85 -16.25
N GLY F 123 23.60 43.67 -15.74
CA GLY F 123 24.76 43.46 -14.82
C GLY F 123 24.86 44.35 -13.58
N GLU F 124 23.91 45.31 -13.43
CA GLU F 124 23.92 46.41 -12.45
C GLU F 124 23.94 45.89 -10.98
N GLY F 125 25.11 45.91 -10.31
CA GLY F 125 25.30 45.34 -8.95
C GLY F 125 24.99 43.83 -8.81
N SER F 126 24.28 43.45 -7.72
CA SER F 126 23.91 42.06 -7.31
C SER F 126 23.55 42.00 -5.80
N SER F 127 22.71 41.01 -5.38
CA SER F 127 22.41 40.62 -3.94
C SER F 127 22.60 41.71 -2.81
N CYS F 128 22.26 42.95 -3.12
CA CYS F 128 22.72 44.12 -2.32
C CYS F 128 21.73 44.77 -1.32
#